data_1JVS
#
_entry.id   1JVS
#
_cell.length_a   182.16
_cell.length_b   59.185
_cell.length_c   87.236
_cell.angle_alpha   90.00
_cell.angle_beta   90.00
_cell.angle_gamma   90.00
#
_symmetry.space_group_name_H-M   'P 21 21 2'
#
loop_
_entity.id
_entity.type
_entity.pdbx_description
1 polymer '1-deoxy-D-xylulose 5-phosphate reductoisomerase'
2 non-polymer 'SULFATE ION'
3 non-polymer 'NADPH DIHYDRO-NICOTINAMIDE-ADENINE-DINUCLEOTIDE PHOSPHATE'
4 water water
#
_entity_poly.entity_id   1
_entity_poly.type   'polypeptide(L)'
_entity_poly.pdbx_seq_one_letter_code
;GKQLTILGSTGSIGCSTLDVVRHNPEHFRVVALVAGKNVTR(MSE)VEQCLEFSPRYAV(MSE)DDEASAKLLKT(MSE)
LQQQGSRTEVLSGQQAACD(MSE)AALEDVDQV(MSE)AAIVGAAGLLPTLAAIRAGKTILLANKESLVTCGRLF(MSE)
DAVKQSKAQLLPVDSEHNAIFQSLPQPIQHNLGYADLEQNGVVSILLTGSGGPFRETPLRDLAT(MSE)TPDQACRHPNW
S(MSE)GRKISVDSAT(MSE)(MSE)NKGLEYIEARWLFNASASQ(MSE)EVLIHPQSVIHS(MSE)VRYQDGSVLAQLG
EPD(MSE)RTPIAHT(MSE)AWPNRVNSGVKPLDFCKLSALTFAAPDYDRYPCLKLA(MSE)EAFEQGQAATTALNAANE
ITVAAFLAQQIRFTDIAALNLSVLEK(MSE)D(MSE)REPQCVDDVLSVDANAREVARKEV(MSE)RLASSA
;
_entity_poly.pdbx_strand_id   A,B
#
# COMPACT_ATOMS: atom_id res chain seq x y z
N GLY A 1 16.37 -22.22 -5.27
CA GLY A 1 15.28 -22.83 -6.09
C GLY A 1 14.15 -23.38 -5.24
N LYS A 2 12.92 -22.95 -5.55
CA LYS A 2 11.75 -23.42 -4.81
C LYS A 2 11.15 -24.64 -5.48
N GLN A 3 10.80 -25.64 -4.67
CA GLN A 3 10.20 -26.88 -5.16
C GLN A 3 8.69 -26.80 -4.94
N LEU A 4 7.90 -26.98 -5.99
CA LEU A 4 6.48 -26.86 -5.78
C LEU A 4 5.59 -27.95 -6.36
N THR A 5 4.43 -28.07 -5.73
CA THR A 5 3.38 -29.00 -6.12
C THR A 5 2.23 -28.09 -6.49
N ILE A 6 1.65 -28.31 -7.67
CA ILE A 6 0.52 -27.52 -8.10
C ILE A 6 -0.73 -28.37 -8.06
N LEU A 7 -1.61 -28.07 -7.12
CA LEU A 7 -2.88 -28.77 -6.95
C LEU A 7 -3.87 -28.09 -7.90
N GLY A 8 -4.26 -28.80 -8.95
CA GLY A 8 -5.19 -28.25 -9.93
C GLY A 8 -4.42 -27.46 -10.97
N SER A 9 -3.43 -28.11 -11.58
CA SER A 9 -2.56 -27.47 -12.57
C SER A 9 -3.20 -27.09 -13.90
N THR A 10 -4.16 -27.88 -14.36
CA THR A 10 -4.80 -27.63 -15.65
C THR A 10 -5.82 -26.51 -15.69
N GLY A 11 -6.14 -25.95 -14.53
CA GLY A 11 -7.12 -24.88 -14.49
C GLY A 11 -6.51 -23.51 -14.79
N SER A 12 -7.34 -22.49 -14.70
CA SER A 12 -6.90 -21.13 -14.96
C SER A 12 -5.78 -20.69 -13.99
N ILE A 13 -6.00 -20.86 -12.70
CA ILE A 13 -4.97 -20.46 -11.74
C ILE A 13 -3.72 -21.31 -11.99
N GLY A 14 -3.92 -22.58 -12.30
CA GLY A 14 -2.82 -23.50 -12.54
C GLY A 14 -1.94 -23.09 -13.70
N CYS A 15 -2.55 -22.72 -14.82
CA CYS A 15 -1.80 -22.31 -16.00
C CYS A 15 -1.12 -20.98 -15.75
N SER A 16 -1.80 -20.06 -15.08
CA SER A 16 -1.21 -18.77 -14.78
C SER A 16 0.03 -18.94 -13.90
N THR A 17 -0.06 -19.84 -12.92
CA THR A 17 1.08 -20.06 -12.03
C THR A 17 2.23 -20.72 -12.78
N LEU A 18 1.90 -21.54 -13.77
CA LEU A 18 2.93 -22.19 -14.56
C LEU A 18 3.61 -21.16 -15.46
N ASP A 19 2.88 -20.11 -15.82
CA ASP A 19 3.46 -19.07 -16.67
C ASP A 19 4.48 -18.28 -15.85
N VAL A 20 4.25 -18.18 -14.55
CA VAL A 20 5.21 -17.49 -13.70
C VAL A 20 6.46 -18.35 -13.62
N VAL A 21 6.28 -19.68 -13.63
CA VAL A 21 7.42 -20.59 -13.60
C VAL A 21 8.26 -20.42 -14.88
N ARG A 22 7.60 -20.24 -16.02
CA ARG A 22 8.32 -20.04 -17.28
C ARG A 22 9.24 -18.83 -17.20
N HIS A 23 8.73 -17.72 -16.64
CA HIS A 23 9.50 -16.50 -16.51
C HIS A 23 10.61 -16.57 -15.45
N ASN A 24 10.61 -17.64 -14.66
CA ASN A 24 11.62 -17.80 -13.62
C ASN A 24 12.00 -19.27 -13.41
N PRO A 25 12.49 -19.94 -14.48
CA PRO A 25 12.89 -21.35 -14.40
C PRO A 25 14.01 -21.62 -13.41
N GLU A 26 14.80 -20.60 -13.11
CA GLU A 26 15.91 -20.74 -12.19
C GLU A 26 15.50 -20.52 -10.73
N HIS A 27 14.26 -20.09 -10.50
CA HIS A 27 13.77 -19.84 -9.16
C HIS A 27 12.76 -20.90 -8.69
N PHE A 28 12.07 -21.53 -9.64
CA PHE A 28 11.08 -22.52 -9.29
C PHE A 28 11.16 -23.78 -10.13
N ARG A 29 11.04 -24.94 -9.47
CA ARG A 29 11.06 -26.22 -10.17
C ARG A 29 9.80 -26.99 -9.80
N VAL A 30 9.07 -27.44 -10.81
CA VAL A 30 7.85 -28.19 -10.58
C VAL A 30 8.14 -29.66 -10.25
N VAL A 31 7.68 -30.10 -9.08
CA VAL A 31 7.88 -31.47 -8.63
C VAL A 31 6.66 -32.34 -8.93
N ALA A 32 5.47 -31.79 -8.70
CA ALA A 32 4.25 -32.54 -8.95
C ALA A 32 3.11 -31.66 -9.41
N LEU A 33 2.31 -32.21 -10.31
CA LEU A 33 1.14 -31.53 -10.85
C LEU A 33 -0.05 -32.43 -10.57
N VAL A 34 -1.15 -31.85 -10.11
CA VAL A 34 -2.36 -32.61 -9.81
C VAL A 34 -3.55 -32.01 -10.54
N ALA A 35 -4.37 -32.85 -11.14
CA ALA A 35 -5.53 -32.36 -11.86
C ALA A 35 -6.67 -33.35 -11.77
N GLY A 36 -7.73 -33.10 -12.55
CA GLY A 36 -8.88 -33.97 -12.52
C GLY A 36 -9.01 -34.87 -13.74
N LYS A 37 -9.43 -34.30 -14.87
CA LYS A 37 -9.60 -35.09 -16.07
C LYS A 37 -9.07 -34.47 -17.36
N ASN A 38 -8.58 -33.23 -17.31
CA ASN A 38 -8.05 -32.59 -18.52
C ASN A 38 -6.72 -33.21 -18.91
N VAL A 39 -6.77 -34.41 -19.46
CA VAL A 39 -5.55 -35.11 -19.87
C VAL A 39 -4.73 -34.34 -20.90
N THR A 40 -5.40 -33.73 -21.87
CA THR A 40 -4.71 -32.98 -22.91
C THR A 40 -3.76 -31.93 -22.35
N ARG A 41 -4.27 -31.10 -21.43
CA ARG A 41 -3.46 -30.06 -20.80
C ARG A 41 -2.30 -30.66 -20.01
N VAL A 43 -0.66 -33.33 -20.34
CA VAL A 43 0.40 -33.82 -21.22
C VAL A 43 1.42 -32.73 -21.53
N GLU A 44 0.93 -31.59 -22.00
CA GLU A 44 1.79 -30.46 -22.34
C GLU A 44 2.54 -29.91 -21.14
N GLN A 45 1.86 -29.81 -20.00
CA GLN A 45 2.48 -29.29 -18.80
C GLN A 45 3.57 -30.26 -18.33
N CYS A 46 3.30 -31.55 -18.45
CA CYS A 46 4.27 -32.57 -18.04
C CYS A 46 5.47 -32.56 -18.98
N LEU A 47 5.21 -32.39 -20.26
CA LEU A 47 6.29 -32.36 -21.25
C LEU A 47 7.13 -31.10 -21.09
N GLU A 48 6.48 -29.98 -20.77
CA GLU A 48 7.20 -28.72 -20.63
C GLU A 48 7.97 -28.58 -19.34
N PHE A 49 7.38 -28.98 -18.21
CA PHE A 49 8.06 -28.81 -16.93
C PHE A 49 8.69 -30.05 -16.31
N SER A 50 8.49 -31.21 -16.93
CA SER A 50 9.07 -32.47 -16.45
C SER A 50 8.90 -32.70 -14.95
N PRO A 51 7.65 -32.83 -14.48
CA PRO A 51 7.42 -33.05 -13.06
C PRO A 51 7.91 -34.44 -12.67
N ARG A 52 8.22 -34.64 -11.40
CA ARG A 52 8.62 -35.96 -10.98
C ARG A 52 7.35 -36.79 -10.93
N TYR A 53 6.26 -36.15 -10.52
CA TYR A 53 4.97 -36.82 -10.41
C TYR A 53 3.85 -36.05 -11.10
N ALA A 54 2.83 -36.80 -11.50
CA ALA A 54 1.64 -36.22 -12.12
C ALA A 54 0.52 -37.09 -11.61
N VAL A 55 -0.61 -36.49 -11.28
CA VAL A 55 -1.72 -37.30 -10.79
C VAL A 55 -3.06 -36.73 -11.23
N ASP A 57 -7.24 -37.14 -10.57
CA ASP A 57 -8.20 -37.67 -9.61
C ASP A 57 -9.00 -38.79 -10.27
N ASP A 58 -9.18 -38.68 -11.57
CA ASP A 58 -9.93 -39.68 -12.33
C ASP A 58 -9.05 -40.87 -12.71
N GLU A 59 -9.48 -42.05 -12.31
CA GLU A 59 -8.75 -43.29 -12.58
C GLU A 59 -8.45 -43.48 -14.07
N ALA A 60 -9.47 -43.31 -14.90
CA ALA A 60 -9.31 -43.48 -16.35
C ALA A 60 -8.32 -42.49 -16.95
N SER A 61 -8.54 -41.21 -16.67
CA SER A 61 -7.69 -40.14 -17.17
C SER A 61 -6.22 -40.44 -16.83
N ALA A 62 -5.98 -40.90 -15.61
CA ALA A 62 -4.63 -41.22 -15.16
C ALA A 62 -4.03 -42.32 -16.03
N LYS A 63 -4.83 -43.34 -16.32
CA LYS A 63 -4.39 -44.47 -17.14
C LYS A 63 -3.88 -43.94 -18.48
N LEU A 64 -4.73 -43.16 -19.15
CA LEU A 64 -4.38 -42.59 -20.45
C LEU A 64 -3.11 -41.74 -20.37
N LEU A 65 -3.01 -40.91 -19.34
CA LEU A 65 -1.86 -40.04 -19.16
C LEU A 65 -0.57 -40.83 -18.99
N LYS A 66 -0.63 -41.89 -18.17
CA LYS A 66 0.52 -42.73 -17.91
C LYS A 66 1.14 -43.31 -19.18
N THR A 67 0.30 -43.66 -20.14
CA THR A 67 0.77 -44.23 -21.39
C THR A 67 1.26 -43.17 -22.37
N LEU A 69 2.64 -40.22 -21.66
CA LEU A 69 3.93 -39.66 -21.26
C LEU A 69 5.04 -40.67 -21.53
N GLN A 70 4.71 -41.95 -21.41
CA GLN A 70 5.68 -43.01 -21.66
C GLN A 70 6.04 -43.07 -23.14
N GLN A 71 5.01 -43.11 -23.98
CA GLN A 71 5.23 -43.17 -25.42
C GLN A 71 5.94 -41.92 -25.92
N GLN A 72 5.86 -40.83 -25.14
CA GLN A 72 6.51 -39.59 -25.50
C GLN A 72 7.73 -39.33 -24.62
N GLY A 73 8.33 -40.44 -24.17
CA GLY A 73 9.51 -40.39 -23.34
C GLY A 73 9.54 -39.42 -22.18
N SER A 74 8.61 -39.56 -21.25
CA SER A 74 8.55 -38.69 -20.08
C SER A 74 8.88 -39.50 -18.84
N ARG A 75 9.73 -38.95 -17.97
CA ARG A 75 10.14 -39.64 -16.76
C ARG A 75 9.16 -39.43 -15.60
N THR A 76 8.14 -38.61 -15.80
CA THR A 76 7.20 -38.34 -14.73
C THR A 76 6.33 -39.55 -14.43
N GLU A 77 6.25 -39.92 -13.16
CA GLU A 77 5.44 -41.06 -12.76
C GLU A 77 3.99 -40.62 -12.54
N VAL A 78 3.06 -41.33 -13.16
CA VAL A 78 1.65 -41.01 -13.04
C VAL A 78 0.94 -41.81 -11.95
N LEU A 79 0.19 -41.09 -11.10
CA LEU A 79 -0.56 -41.71 -10.01
C LEU A 79 -2.01 -41.29 -10.15
N SER A 80 -2.88 -41.82 -9.30
CA SER A 80 -4.29 -41.45 -9.37
C SER A 80 -5.01 -41.50 -8.04
N GLY A 81 -6.15 -40.80 -7.97
CA GLY A 81 -6.94 -40.79 -6.76
C GLY A 81 -6.62 -39.63 -5.83
N GLN A 82 -7.53 -39.37 -4.90
CA GLN A 82 -7.39 -38.30 -3.92
C GLN A 82 -6.21 -38.52 -2.97
N GLN A 83 -6.03 -39.77 -2.54
CA GLN A 83 -4.94 -40.10 -1.63
C GLN A 83 -3.62 -39.64 -2.23
N ALA A 84 -3.42 -39.93 -3.52
CA ALA A 84 -2.20 -39.55 -4.22
C ALA A 84 -2.08 -38.02 -4.30
N ALA A 85 -3.21 -37.36 -4.54
CA ALA A 85 -3.23 -35.90 -4.61
C ALA A 85 -2.78 -35.33 -3.26
N CYS A 86 -3.27 -35.94 -2.17
CA CYS A 86 -2.90 -35.48 -0.84
C CYS A 86 -1.41 -35.74 -0.57
N ASP A 87 -0.89 -36.86 -1.06
CA ASP A 87 0.52 -37.16 -0.86
C ASP A 87 1.40 -36.12 -1.55
N ALA A 89 0.84 -33.07 -1.95
CA ALA A 89 0.83 -31.84 -1.16
C ALA A 89 1.71 -31.95 0.07
N ALA A 90 2.07 -33.18 0.44
CA ALA A 90 2.89 -33.43 1.62
C ALA A 90 4.29 -33.98 1.34
N LEU A 91 4.68 -34.02 0.07
CA LEU A 91 6.01 -34.52 -0.28
C LEU A 91 7.05 -33.77 0.54
N GLU A 92 7.98 -34.51 1.11
CA GLU A 92 9.02 -33.94 1.95
C GLU A 92 9.85 -32.84 1.29
N ASP A 93 10.26 -33.07 0.05
CA ASP A 93 11.09 -32.09 -0.67
C ASP A 93 10.35 -30.83 -1.17
N VAL A 94 9.03 -30.89 -1.23
CA VAL A 94 8.25 -29.74 -1.69
C VAL A 94 8.28 -28.57 -0.72
N ASP A 95 8.48 -27.37 -1.25
CA ASP A 95 8.51 -26.15 -0.43
C ASP A 95 7.17 -25.46 -0.44
N GLN A 96 6.63 -25.24 -1.63
CA GLN A 96 5.37 -24.53 -1.80
C GLN A 96 4.29 -25.40 -2.45
N VAL A 97 3.05 -25.15 -2.08
CA VAL A 97 1.94 -25.88 -2.65
C VAL A 97 0.86 -24.91 -3.13
N ALA A 99 -2.49 -24.26 -3.93
CA ALA A 99 -3.77 -24.93 -3.67
C ALA A 99 -4.86 -24.33 -4.55
N ALA A 100 -4.94 -24.81 -5.79
CA ALA A 100 -5.91 -24.33 -6.78
C ALA A 100 -7.00 -25.33 -7.16
N ILE A 101 -7.22 -26.35 -6.35
CA ILE A 101 -8.29 -27.28 -6.65
C ILE A 101 -9.53 -26.64 -6.05
N VAL A 102 -10.58 -26.52 -6.85
CA VAL A 102 -11.83 -25.89 -6.42
C VAL A 102 -12.83 -26.85 -5.77
N GLY A 103 -13.76 -26.29 -5.01
CA GLY A 103 -14.81 -27.04 -4.35
C GLY A 103 -14.44 -27.89 -3.15
N ALA A 104 -15.35 -28.77 -2.77
CA ALA A 104 -15.18 -29.69 -1.65
C ALA A 104 -13.92 -30.50 -1.88
N ALA A 105 -13.65 -30.85 -3.13
CA ALA A 105 -12.43 -31.58 -3.46
C ALA A 105 -11.35 -30.55 -3.16
N GLY A 106 -10.10 -30.96 -3.01
CA GLY A 106 -9.11 -29.94 -2.72
C GLY A 106 -9.09 -29.52 -1.26
N LEU A 107 -10.16 -29.84 -0.53
CA LEU A 107 -10.22 -29.53 0.90
C LEU A 107 -9.19 -30.41 1.59
N LEU A 108 -9.24 -31.71 1.33
CA LEU A 108 -8.30 -32.65 1.92
C LEU A 108 -6.89 -32.45 1.36
N PRO A 109 -6.75 -32.18 0.05
CA PRO A 109 -5.40 -31.98 -0.48
C PRO A 109 -4.76 -30.71 0.10
N THR A 110 -5.57 -29.69 0.36
CA THR A 110 -5.00 -28.48 0.92
C THR A 110 -4.66 -28.68 2.40
N LEU A 111 -5.51 -29.42 3.10
CA LEU A 111 -5.27 -29.69 4.52
C LEU A 111 -4.00 -30.54 4.67
N ALA A 112 -3.76 -31.42 3.71
CA ALA A 112 -2.57 -32.27 3.76
C ALA A 112 -1.34 -31.37 3.75
N ALA A 113 -1.33 -30.38 2.86
CA ALA A 113 -0.22 -29.44 2.78
C ALA A 113 -0.07 -28.71 4.10
N ILE A 114 -1.20 -28.24 4.64
CA ILE A 114 -1.14 -27.53 5.92
C ILE A 114 -0.54 -28.42 7.01
N ARG A 115 -1.03 -29.65 7.14
CA ARG A 115 -0.55 -30.58 8.15
C ARG A 115 0.92 -30.92 7.96
N ALA A 116 1.44 -30.72 6.75
CA ALA A 116 2.84 -30.99 6.46
C ALA A 116 3.71 -29.74 6.67
N GLY A 117 3.12 -28.68 7.21
CA GLY A 117 3.86 -27.46 7.47
C GLY A 117 4.42 -26.73 6.25
N LYS A 118 3.81 -26.99 5.10
CA LYS A 118 4.25 -26.35 3.86
C LYS A 118 3.79 -24.90 3.73
N THR A 119 4.34 -24.21 2.74
CA THR A 119 3.94 -22.84 2.45
C THR A 119 2.79 -23.05 1.47
N ILE A 120 1.59 -22.63 1.86
CA ILE A 120 0.43 -22.81 1.00
C ILE A 120 0.04 -21.55 0.23
N LEU A 121 0.03 -21.66 -1.10
CA LEU A 121 -0.38 -20.54 -1.94
C LEU A 121 -1.88 -20.83 -2.06
N LEU A 122 -2.65 -20.25 -1.14
CA LEU A 122 -4.09 -20.48 -1.08
C LEU A 122 -4.89 -19.79 -2.17
N ALA A 123 -5.38 -20.58 -3.11
CA ALA A 123 -6.19 -20.11 -4.22
C ALA A 123 -7.36 -21.07 -4.29
N ASN A 124 -8.17 -21.09 -3.23
CA ASN A 124 -9.31 -22.00 -3.13
C ASN A 124 -10.22 -21.49 -2.02
N LYS A 125 -11.41 -21.01 -2.39
CA LYS A 125 -12.36 -20.45 -1.43
C LYS A 125 -12.95 -21.39 -0.39
N GLU A 126 -13.26 -22.62 -0.78
CA GLU A 126 -13.86 -23.58 0.15
C GLU A 126 -13.09 -23.76 1.46
N SER A 127 -11.77 -23.79 1.37
CA SER A 127 -10.92 -23.97 2.54
C SER A 127 -11.34 -23.10 3.73
N LEU A 128 -11.41 -21.79 3.52
CA LEU A 128 -11.78 -20.87 4.60
C LEU A 128 -13.28 -20.58 4.71
N VAL A 129 -14.02 -20.77 3.64
CA VAL A 129 -15.45 -20.52 3.67
C VAL A 129 -16.17 -21.61 4.46
N THR A 130 -15.72 -22.86 4.28
CA THR A 130 -16.33 -24.00 4.96
C THR A 130 -15.52 -24.54 6.15
N CYS A 131 -14.19 -24.47 6.06
CA CYS A 131 -13.33 -24.98 7.12
C CYS A 131 -12.46 -23.92 7.79
N GLY A 132 -12.96 -22.69 7.87
CA GLY A 132 -12.20 -21.61 8.48
C GLY A 132 -11.52 -21.93 9.79
N ARG A 133 -12.30 -22.28 10.81
CA ARG A 133 -11.76 -22.58 12.13
C ARG A 133 -10.84 -23.80 12.11
N LEU A 134 -11.23 -24.82 11.37
CA LEU A 134 -10.43 -26.04 11.28
C LEU A 134 -9.07 -25.79 10.65
N PHE A 135 -9.04 -25.16 9.49
CA PHE A 135 -7.78 -24.90 8.81
C PHE A 135 -6.87 -23.89 9.53
N ASP A 137 -6.82 -23.34 12.74
CA ASP A 137 -6.31 -23.99 13.93
C ASP A 137 -5.14 -24.88 13.50
N ALA A 138 -5.32 -25.54 12.35
CA ALA A 138 -4.30 -26.44 11.83
C ALA A 138 -3.04 -25.68 11.42
N VAL A 139 -3.19 -24.55 10.74
CA VAL A 139 -2.00 -23.79 10.34
C VAL A 139 -1.25 -23.35 11.59
N LYS A 140 -1.99 -22.97 12.63
CA LYS A 140 -1.36 -22.55 13.88
C LYS A 140 -0.53 -23.68 14.48
N GLN A 141 -1.06 -24.90 14.44
CA GLN A 141 -0.37 -26.05 14.99
C GLN A 141 0.91 -26.42 14.24
N SER A 142 0.81 -26.55 12.92
CA SER A 142 1.95 -26.93 12.10
C SER A 142 2.87 -25.79 11.70
N LYS A 143 2.44 -24.57 11.91
CA LYS A 143 3.24 -23.41 11.52
C LYS A 143 3.38 -23.27 10.00
N ALA A 144 2.40 -23.78 9.27
CA ALA A 144 2.42 -23.67 7.82
C ALA A 144 2.24 -22.18 7.50
N GLN A 145 2.84 -21.71 6.42
CA GLN A 145 2.69 -20.31 6.04
C GLN A 145 1.63 -20.18 4.97
N LEU A 146 0.56 -19.45 5.26
CA LEU A 146 -0.50 -19.24 4.27
C LEU A 146 -0.19 -17.95 3.53
N LEU A 147 -0.33 -18.00 2.20
CA LEU A 147 -0.12 -16.85 1.32
C LEU A 147 -1.34 -16.86 0.40
N PRO A 148 -2.26 -15.91 0.59
CA PRO A 148 -3.48 -15.85 -0.24
C PRO A 148 -3.18 -15.37 -1.65
N VAL A 149 -3.65 -16.10 -2.66
CA VAL A 149 -3.40 -15.67 -4.02
C VAL A 149 -4.63 -14.94 -4.58
N ASP A 150 -5.79 -15.16 -3.97
CA ASP A 150 -7.02 -14.49 -4.41
C ASP A 150 -6.75 -12.98 -4.40
N SER A 151 -7.08 -12.30 -5.48
CA SER A 151 -6.83 -10.86 -5.62
C SER A 151 -7.01 -9.97 -4.37
N GLU A 152 -8.22 -10.00 -3.78
CA GLU A 152 -8.52 -9.20 -2.60
C GLU A 152 -7.68 -9.56 -1.38
N HIS A 153 -7.65 -10.83 -1.03
CA HIS A 153 -6.87 -11.25 0.13
C HIS A 153 -5.39 -10.98 -0.06
N ASN A 154 -4.91 -11.13 -1.30
CA ASN A 154 -3.51 -10.90 -1.59
C ASN A 154 -3.21 -9.41 -1.40
N ALA A 155 -4.11 -8.56 -1.88
CA ALA A 155 -3.93 -7.12 -1.74
C ALA A 155 -3.91 -6.74 -0.27
N ILE A 156 -4.80 -7.32 0.51
CA ILE A 156 -4.82 -7.02 1.94
C ILE A 156 -3.51 -7.47 2.57
N PHE A 157 -3.07 -8.68 2.23
CA PHE A 157 -1.82 -9.24 2.74
C PHE A 157 -0.64 -8.31 2.46
N GLN A 158 -0.49 -7.92 1.20
CA GLN A 158 0.59 -7.02 0.81
C GLN A 158 0.53 -5.69 1.56
N SER A 159 -0.65 -5.33 2.03
CA SER A 159 -0.84 -4.06 2.73
C SER A 159 -0.80 -4.19 4.26
N LEU A 160 -0.46 -5.38 4.74
CA LEU A 160 -0.39 -5.67 6.17
C LEU A 160 1.08 -5.60 6.60
N PRO A 161 1.35 -5.31 7.89
CA PRO A 161 2.74 -5.25 8.34
C PRO A 161 3.39 -6.63 8.38
N GLN A 162 4.73 -6.66 8.35
CA GLN A 162 5.49 -7.91 8.36
C GLN A 162 5.14 -8.89 9.48
N PRO A 163 5.05 -8.40 10.73
CA PRO A 163 4.71 -9.32 11.83
C PRO A 163 3.41 -10.10 11.59
N ILE A 164 2.46 -9.49 10.90
CA ILE A 164 1.21 -10.19 10.63
C ILE A 164 1.37 -11.16 9.46
N GLN A 165 2.09 -10.75 8.43
CA GLN A 165 2.32 -11.60 7.28
C GLN A 165 3.01 -12.92 7.65
N HIS A 166 4.00 -12.86 8.54
CA HIS A 166 4.73 -14.06 8.96
C HIS A 166 4.00 -14.92 9.98
N ASN A 167 2.93 -14.40 10.55
CA ASN A 167 2.16 -15.16 11.55
C ASN A 167 0.68 -15.07 11.20
N LEU A 168 0.40 -15.08 9.91
CA LEU A 168 -0.97 -14.97 9.42
C LEU A 168 -1.93 -15.91 10.13
N GLY A 169 -2.98 -15.35 10.71
CA GLY A 169 -3.97 -16.13 11.42
C GLY A 169 -3.73 -16.12 12.91
N TYR A 170 -2.46 -16.08 13.30
CA TYR A 170 -2.07 -16.09 14.70
C TYR A 170 -2.00 -14.67 15.31
N ALA A 171 -1.23 -13.79 14.69
CA ALA A 171 -1.05 -12.42 15.17
C ALA A 171 -2.34 -11.63 15.18
N ASP A 172 -2.42 -10.62 16.05
CA ASP A 172 -3.64 -9.83 16.11
C ASP A 172 -3.41 -8.44 15.57
N LEU A 173 -4.42 -7.95 14.87
CA LEU A 173 -4.39 -6.65 14.20
C LEU A 173 -4.17 -5.43 15.08
N GLU A 174 -4.95 -5.30 16.14
CA GLU A 174 -4.84 -4.16 17.03
C GLU A 174 -3.42 -3.93 17.55
N GLN A 175 -2.77 -5.00 18.01
CA GLN A 175 -1.42 -4.88 18.54
C GLN A 175 -0.47 -4.36 17.48
N ASN A 176 -0.75 -4.66 16.22
CA ASN A 176 0.12 -4.22 15.16
C ASN A 176 -0.32 -2.94 14.47
N GLY A 177 -1.18 -2.19 15.14
CA GLY A 177 -1.63 -0.93 14.60
C GLY A 177 -2.66 -0.91 13.49
N VAL A 178 -3.27 -2.06 13.21
CA VAL A 178 -4.27 -2.16 12.17
C VAL A 178 -5.65 -1.94 12.81
N VAL A 179 -6.44 -1.02 12.28
CA VAL A 179 -7.78 -0.78 12.82
C VAL A 179 -8.85 -1.54 12.04
N SER A 180 -8.61 -1.77 10.74
CA SER A 180 -9.56 -2.50 9.93
C SER A 180 -9.06 -2.88 8.55
N ILE A 181 -9.77 -3.83 7.97
CA ILE A 181 -9.46 -4.34 6.64
C ILE A 181 -10.58 -3.90 5.71
N LEU A 182 -10.18 -3.20 4.64
CA LEU A 182 -11.13 -2.70 3.65
C LEU A 182 -11.20 -3.63 2.44
N LEU A 183 -12.24 -4.45 2.41
CA LEU A 183 -12.46 -5.41 1.34
C LEU A 183 -13.24 -4.71 0.22
N THR A 184 -12.65 -4.63 -0.97
CA THR A 184 -13.31 -3.97 -2.09
C THR A 184 -13.90 -4.91 -3.14
N GLY A 185 -14.97 -4.45 -3.79
CA GLY A 185 -15.64 -5.23 -4.83
C GLY A 185 -16.26 -4.32 -5.87
N SER A 186 -16.45 -4.82 -7.09
CA SER A 186 -17.00 -4.00 -8.17
C SER A 186 -18.45 -3.57 -7.99
N GLY A 187 -19.25 -4.39 -7.31
CA GLY A 187 -20.64 -4.06 -7.12
C GLY A 187 -21.50 -4.78 -8.14
N GLY A 188 -20.87 -5.37 -9.15
CA GLY A 188 -21.60 -6.11 -10.15
C GLY A 188 -22.24 -5.25 -11.24
N PRO A 189 -22.94 -5.86 -12.21
CA PRO A 189 -23.59 -5.12 -13.29
C PRO A 189 -24.88 -4.44 -12.86
N PHE A 190 -25.42 -4.85 -11.72
CA PHE A 190 -26.68 -4.29 -11.23
C PHE A 190 -26.50 -3.25 -10.14
N ARG A 191 -25.34 -2.60 -10.14
CA ARG A 191 -25.02 -1.58 -9.16
C ARG A 191 -26.02 -0.42 -9.17
N GLU A 192 -26.48 -0.03 -10.36
CA GLU A 192 -27.42 1.08 -10.51
C GLU A 192 -28.85 0.67 -10.84
N THR A 193 -29.02 -0.61 -11.17
CA THR A 193 -30.33 -1.13 -11.53
C THR A 193 -31.41 -0.87 -10.49
N PRO A 194 -32.60 -0.44 -10.94
CA PRO A 194 -33.69 -0.18 -9.99
C PRO A 194 -33.99 -1.47 -9.24
N LEU A 195 -34.05 -1.38 -7.91
CA LEU A 195 -34.31 -2.55 -7.09
C LEU A 195 -35.46 -3.45 -7.57
N ARG A 196 -36.54 -2.86 -8.04
CA ARG A 196 -37.69 -3.66 -8.50
C ARG A 196 -37.44 -4.45 -9.79
N ASP A 197 -36.42 -4.05 -10.54
CA ASP A 197 -36.09 -4.74 -11.79
C ASP A 197 -35.19 -5.95 -11.60
N LEU A 198 -34.53 -6.04 -10.45
CA LEU A 198 -33.62 -7.15 -10.20
C LEU A 198 -34.28 -8.52 -10.40
N ALA A 199 -35.57 -8.61 -10.06
CA ALA A 199 -36.29 -9.87 -10.19
C ALA A 199 -36.43 -10.33 -11.64
N THR A 200 -36.25 -9.43 -12.59
CA THR A 200 -36.38 -9.80 -13.99
C THR A 200 -35.05 -9.84 -14.75
N THR A 202 -31.86 -11.37 -16.34
CA THR A 202 -31.62 -12.69 -16.91
C THR A 202 -30.19 -13.15 -16.67
N PRO A 203 -29.92 -14.44 -16.89
CA PRO A 203 -28.58 -14.98 -16.70
C PRO A 203 -27.55 -14.22 -17.54
N ASP A 204 -27.92 -13.90 -18.78
CA ASP A 204 -27.02 -13.17 -19.65
C ASP A 204 -26.66 -11.80 -19.10
N GLN A 205 -27.62 -11.15 -18.46
CA GLN A 205 -27.37 -9.84 -17.89
C GLN A 205 -26.52 -9.96 -16.62
N ALA A 206 -26.81 -10.94 -15.78
CA ALA A 206 -26.04 -11.11 -14.55
C ALA A 206 -24.61 -11.58 -14.83
N CYS A 207 -24.40 -12.24 -15.97
CA CYS A 207 -23.08 -12.74 -16.30
C CYS A 207 -22.18 -11.78 -17.04
N ARG A 208 -22.48 -10.49 -16.95
CA ARG A 208 -21.65 -9.48 -17.58
C ARG A 208 -20.85 -8.84 -16.44
N HIS A 209 -19.70 -9.43 -16.13
CA HIS A 209 -18.87 -8.88 -15.06
C HIS A 209 -18.36 -7.51 -15.52
N PRO A 210 -18.61 -6.47 -14.70
CA PRO A 210 -18.26 -5.06 -14.86
C PRO A 210 -16.97 -4.67 -15.59
N ASN A 211 -15.86 -5.30 -15.23
CA ASN A 211 -14.59 -4.95 -15.85
C ASN A 211 -13.98 -6.05 -16.70
N TRP A 212 -13.65 -7.17 -16.08
CA TRP A 212 -13.06 -8.29 -16.80
C TRP A 212 -14.02 -9.48 -16.84
N SER A 213 -14.18 -10.05 -18.03
CA SER A 213 -15.06 -11.20 -18.22
C SER A 213 -14.56 -12.38 -17.39
N GLY A 215 -16.02 -16.52 -15.36
CA GLY A 215 -17.01 -17.57 -15.22
C GLY A 215 -18.42 -17.09 -14.92
N ARG A 216 -19.41 -17.87 -15.35
CA ARG A 216 -20.80 -17.51 -15.13
C ARG A 216 -21.16 -17.56 -13.65
N LYS A 217 -20.76 -18.64 -12.98
CA LYS A 217 -21.04 -18.80 -11.56
C LYS A 217 -20.46 -17.64 -10.75
N ILE A 218 -19.20 -17.30 -10.98
CA ILE A 218 -18.57 -16.21 -10.25
C ILE A 218 -19.11 -14.85 -10.67
N SER A 219 -19.57 -14.72 -11.91
CA SER A 219 -20.13 -13.45 -12.37
C SER A 219 -21.43 -13.20 -11.64
N VAL A 220 -22.21 -14.26 -11.44
CA VAL A 220 -23.48 -14.13 -10.73
C VAL A 220 -23.20 -13.76 -9.27
N ASP A 221 -22.20 -14.40 -8.67
CA ASP A 221 -21.83 -14.12 -7.28
C ASP A 221 -21.37 -12.66 -7.15
N SER A 222 -20.83 -12.13 -8.23
CA SER A 222 -20.38 -10.75 -8.24
C SER A 222 -21.60 -9.81 -8.34
N ALA A 223 -22.65 -10.28 -8.99
CA ALA A 223 -23.87 -9.50 -9.16
C ALA A 223 -24.72 -9.45 -7.89
N THR A 224 -24.68 -10.52 -7.11
CA THR A 224 -25.43 -10.57 -5.86
C THR A 224 -24.53 -10.13 -4.71
N ASN A 227 -20.07 -13.10 -3.70
CA ASN A 227 -18.62 -13.29 -3.83
C ASN A 227 -17.92 -12.52 -2.73
N LYS A 228 -18.35 -11.28 -2.51
CA LYS A 228 -17.74 -10.44 -1.49
C LYS A 228 -18.12 -10.97 -0.11
N GLY A 229 -19.29 -11.55 -0.01
CA GLY A 229 -19.72 -12.10 1.26
C GLY A 229 -18.82 -13.26 1.63
N LEU A 230 -18.54 -14.11 0.64
CA LEU A 230 -17.68 -15.27 0.85
C LEU A 230 -16.27 -14.81 1.20
N GLU A 231 -15.82 -13.75 0.54
CA GLU A 231 -14.49 -13.21 0.80
C GLU A 231 -14.44 -12.59 2.20
N TYR A 232 -15.57 -12.08 2.66
CA TYR A 232 -15.67 -11.49 3.98
C TYR A 232 -15.42 -12.58 5.02
N ILE A 233 -16.05 -13.74 4.82
CA ILE A 233 -15.88 -14.87 5.73
C ILE A 233 -14.43 -15.32 5.74
N GLU A 234 -13.82 -15.40 4.56
CA GLU A 234 -12.42 -15.83 4.47
C GLU A 234 -11.48 -14.84 5.17
N ALA A 235 -11.69 -13.55 4.92
CA ALA A 235 -10.85 -12.52 5.50
C ALA A 235 -10.85 -12.56 7.02
N ARG A 236 -12.01 -12.71 7.65
CA ARG A 236 -12.06 -12.73 9.10
C ARG A 236 -11.24 -13.87 9.69
N TRP A 237 -11.23 -15.01 9.00
CA TRP A 237 -10.48 -16.18 9.43
C TRP A 237 -8.99 -15.99 9.13
N LEU A 238 -8.70 -15.60 7.90
CA LEU A 238 -7.34 -15.44 7.43
C LEU A 238 -6.54 -14.36 8.17
N PHE A 239 -7.16 -13.22 8.41
CA PHE A 239 -6.46 -12.13 9.07
C PHE A 239 -6.87 -11.95 10.53
N ASN A 240 -7.64 -12.88 11.06
CA ASN A 240 -8.07 -12.82 12.45
C ASN A 240 -8.76 -11.50 12.76
N ALA A 241 -9.74 -11.13 11.93
CA ALA A 241 -10.45 -9.86 12.12
C ALA A 241 -11.88 -10.02 12.66
N SER A 242 -12.26 -9.08 13.52
CA SER A 242 -13.60 -9.10 14.09
C SER A 242 -14.51 -8.35 13.12
N ALA A 243 -15.81 -8.34 13.41
CA ALA A 243 -16.77 -7.64 12.55
C ALA A 243 -16.42 -6.17 12.44
N SER A 244 -16.08 -5.54 13.56
CA SER A 244 -15.75 -4.13 13.58
C SER A 244 -14.41 -3.85 12.89
N GLN A 245 -13.65 -4.90 12.61
CA GLN A 245 -12.37 -4.72 11.93
C GLN A 245 -12.49 -4.97 10.43
N GLU A 247 -14.52 -3.87 6.75
CA GLU A 247 -15.29 -2.84 6.04
C GLU A 247 -15.41 -3.32 4.60
N VAL A 248 -16.63 -3.33 4.07
CA VAL A 248 -16.83 -3.74 2.69
C VAL A 248 -17.12 -2.49 1.88
N LEU A 249 -16.35 -2.29 0.81
CA LEU A 249 -16.52 -1.12 -0.05
C LEU A 249 -16.69 -1.45 -1.52
N ILE A 250 -17.63 -0.78 -2.17
CA ILE A 250 -17.83 -0.98 -3.59
C ILE A 250 -16.87 -0.02 -4.29
N HIS A 251 -16.10 -0.56 -5.23
CA HIS A 251 -15.13 0.22 -6.02
C HIS A 251 -15.30 -0.32 -7.42
N PRO A 252 -16.22 0.29 -8.19
CA PRO A 252 -16.57 -0.04 -9.57
C PRO A 252 -15.46 -0.35 -10.56
N GLN A 253 -14.38 0.42 -10.50
CA GLN A 253 -13.29 0.24 -11.44
C GLN A 253 -12.35 -0.92 -11.14
N SER A 254 -12.39 -1.42 -9.92
CA SER A 254 -11.54 -2.55 -9.54
C SER A 254 -10.04 -2.36 -9.83
N VAL A 255 -9.54 -1.14 -9.67
CA VAL A 255 -8.11 -0.92 -9.88
C VAL A 255 -7.45 -1.19 -8.54
N ILE A 256 -8.03 -0.64 -7.48
CA ILE A 256 -7.55 -0.87 -6.13
C ILE A 256 -8.13 -2.26 -5.83
N HIS A 257 -7.29 -3.18 -5.37
CA HIS A 257 -7.76 -4.54 -5.10
C HIS A 257 -8.24 -4.81 -3.68
N SER A 258 -7.90 -3.90 -2.76
CA SER A 258 -8.29 -3.94 -1.34
C SER A 258 -7.28 -3.15 -0.53
N VAL A 260 -6.03 -1.61 3.81
CA VAL A 260 -5.97 -1.79 5.25
C VAL A 260 -5.77 -0.44 5.95
N ARG A 261 -6.63 -0.14 6.93
CA ARG A 261 -6.53 1.13 7.64
C ARG A 261 -5.64 0.97 8.86
N TYR A 262 -4.81 1.98 9.11
CA TYR A 262 -3.92 1.93 10.25
C TYR A 262 -4.32 2.95 11.30
N GLN A 263 -3.83 2.72 12.51
CA GLN A 263 -4.09 3.53 13.69
C GLN A 263 -3.76 5.01 13.56
N ASP A 264 -2.75 5.36 12.75
CA ASP A 264 -2.37 6.75 12.61
C ASP A 264 -3.12 7.48 11.49
N GLY A 265 -4.03 6.78 10.83
CA GLY A 265 -4.80 7.40 9.76
C GLY A 265 -4.42 6.86 8.39
N SER A 266 -3.23 6.27 8.30
CA SER A 266 -2.72 5.71 7.05
C SER A 266 -3.57 4.57 6.51
N VAL A 267 -3.76 4.57 5.20
CA VAL A 267 -4.46 3.50 4.52
C VAL A 267 -3.44 3.00 3.48
N LEU A 268 -3.17 1.70 3.50
CA LEU A 268 -2.24 1.11 2.54
C LEU A 268 -3.09 0.30 1.57
N ALA A 269 -2.80 0.43 0.28
CA ALA A 269 -3.56 -0.29 -0.75
C ALA A 269 -2.68 -0.91 -1.81
N GLN A 270 -3.21 -1.93 -2.48
CA GLN A 270 -2.50 -2.58 -3.56
C GLN A 270 -3.33 -2.38 -4.83
N LEU A 271 -2.71 -1.85 -5.87
CA LEU A 271 -3.37 -1.63 -7.15
C LEU A 271 -2.63 -2.46 -8.20
N GLY A 272 -3.31 -2.73 -9.32
CA GLY A 272 -2.69 -3.50 -10.38
C GLY A 272 -3.66 -3.87 -11.48
N GLU A 273 -3.17 -4.64 -12.45
CA GLU A 273 -3.99 -5.09 -13.57
C GLU A 273 -4.80 -6.27 -13.05
N PRO A 274 -5.86 -6.67 -13.76
CA PRO A 274 -6.68 -7.80 -13.31
C PRO A 274 -5.95 -9.13 -13.36
N ASP A 275 -4.84 -9.16 -14.10
CA ASP A 275 -4.03 -10.36 -14.29
C ASP A 275 -3.70 -11.10 -12.99
N ARG A 277 -1.62 -13.39 -12.55
CA ARG A 277 -0.20 -13.71 -12.45
C ARG A 277 0.50 -12.81 -11.43
N THR A 278 -0.06 -11.62 -11.18
CA THR A 278 0.55 -10.71 -10.21
C THR A 278 0.46 -11.29 -8.79
N PRO A 279 -0.76 -11.58 -8.30
CA PRO A 279 -0.91 -12.14 -6.94
C PRO A 279 -0.16 -13.47 -6.82
N ILE A 280 -0.31 -14.32 -7.83
CA ILE A 280 0.37 -15.62 -7.83
C ILE A 280 1.89 -15.44 -7.72
N ALA A 281 2.44 -14.52 -8.50
CA ALA A 281 3.88 -14.26 -8.47
C ALA A 281 4.29 -13.73 -7.11
N HIS A 282 3.46 -12.85 -6.54
CA HIS A 282 3.75 -12.28 -5.24
C HIS A 282 3.92 -13.36 -4.18
N THR A 283 2.97 -14.29 -4.10
CA THR A 283 3.04 -15.35 -3.11
C THR A 283 4.20 -16.31 -3.35
N ALA A 285 7.14 -15.72 -4.73
CA ALA A 285 8.44 -15.11 -4.44
C ALA A 285 8.56 -14.53 -3.04
N TRP A 286 7.43 -14.36 -2.35
CA TRP A 286 7.44 -13.79 -1.01
C TRP A 286 8.56 -14.43 -0.17
N PRO A 287 9.28 -13.62 0.62
CA PRO A 287 9.16 -12.18 0.84
C PRO A 287 9.77 -11.30 -0.25
N ASN A 288 10.31 -11.93 -1.30
CA ASN A 288 10.92 -11.17 -2.37
C ASN A 288 9.96 -10.97 -3.53
N ARG A 289 10.51 -10.55 -4.66
CA ARG A 289 9.70 -10.27 -5.84
C ARG A 289 10.24 -10.93 -7.11
N VAL A 290 9.36 -11.16 -8.07
CA VAL A 290 9.74 -11.79 -9.31
C VAL A 290 8.93 -11.24 -10.48
N ASN A 291 9.49 -11.31 -11.69
CA ASN A 291 8.78 -10.83 -12.87
C ASN A 291 7.66 -11.82 -13.16
N SER A 292 6.48 -11.31 -13.50
CA SER A 292 5.33 -12.16 -13.76
C SER A 292 4.83 -12.14 -15.20
N GLY A 293 5.40 -11.24 -16.00
CA GLY A 293 4.97 -11.11 -17.38
C GLY A 293 3.86 -10.07 -17.47
N VAL A 294 3.37 -9.63 -16.31
CA VAL A 294 2.32 -8.63 -16.27
C VAL A 294 2.91 -7.24 -16.44
N LYS A 295 2.41 -6.50 -17.42
CA LYS A 295 2.91 -5.16 -17.66
C LYS A 295 2.40 -4.20 -16.58
N PRO A 296 3.16 -3.12 -16.32
CA PRO A 296 2.80 -2.13 -15.30
C PRO A 296 1.50 -1.40 -15.64
N LEU A 297 0.67 -1.15 -14.62
CA LEU A 297 -0.57 -0.45 -14.90
C LEU A 297 -0.29 0.98 -15.31
N ASP A 298 -0.99 1.40 -16.36
CA ASP A 298 -0.83 2.75 -16.88
C ASP A 298 -1.84 3.64 -16.17
N PHE A 299 -1.35 4.49 -15.27
CA PHE A 299 -2.24 5.38 -14.52
C PHE A 299 -2.87 6.48 -15.38
N CYS A 300 -2.40 6.64 -16.61
CA CYS A 300 -2.96 7.66 -17.48
C CYS A 300 -4.10 7.16 -18.35
N LYS A 301 -4.38 5.86 -18.28
CA LYS A 301 -5.46 5.27 -19.06
C LYS A 301 -6.46 4.57 -18.15
N LEU A 302 -6.77 5.22 -17.03
CA LEU A 302 -7.69 4.68 -16.05
C LEU A 302 -8.97 5.49 -15.97
N SER A 303 -10.06 4.84 -15.55
CA SER A 303 -11.33 5.52 -15.37
C SER A 303 -11.22 6.14 -13.97
N ALA A 304 -11.96 7.19 -13.70
CA ALA A 304 -11.92 7.83 -12.39
C ALA A 304 -12.29 6.79 -11.33
N LEU A 305 -11.51 6.72 -10.25
CA LEU A 305 -11.74 5.76 -9.17
C LEU A 305 -12.77 6.28 -8.17
N THR A 306 -13.85 5.52 -7.99
CA THR A 306 -14.92 5.90 -7.07
C THR A 306 -15.17 4.80 -6.05
N PHE A 307 -15.90 5.13 -4.99
CA PHE A 307 -16.21 4.19 -3.92
C PHE A 307 -17.63 4.42 -3.40
N ALA A 308 -18.26 3.38 -2.86
CA ALA A 308 -19.61 3.51 -2.33
C ALA A 308 -19.88 2.45 -1.29
N ALA A 309 -20.87 2.69 -0.45
CA ALA A 309 -21.23 1.74 0.60
C ALA A 309 -22.29 0.80 0.05
N PRO A 310 -22.14 -0.52 0.28
CA PRO A 310 -23.11 -1.50 -0.19
C PRO A 310 -24.45 -1.33 0.52
N ASP A 311 -25.54 -1.40 -0.24
CA ASP A 311 -26.88 -1.31 0.33
C ASP A 311 -27.37 -2.76 0.43
N TYR A 312 -27.65 -3.23 1.64
CA TYR A 312 -28.08 -4.62 1.83
C TYR A 312 -29.42 -4.94 1.16
N ASP A 313 -30.20 -3.92 0.81
CA ASP A 313 -31.48 -4.14 0.11
C ASP A 313 -31.15 -4.59 -1.31
N ARG A 314 -30.03 -4.07 -1.82
CA ARG A 314 -29.56 -4.40 -3.16
C ARG A 314 -28.73 -5.70 -3.14
N TYR A 315 -27.96 -5.91 -2.07
CA TYR A 315 -27.11 -7.09 -1.94
C TYR A 315 -27.42 -7.91 -0.68
N PRO A 316 -28.58 -8.56 -0.64
CA PRO A 316 -28.96 -9.37 0.54
C PRO A 316 -27.96 -10.48 0.85
N CYS A 317 -27.38 -11.07 -0.19
CA CYS A 317 -26.41 -12.14 -0.02
C CYS A 317 -25.18 -11.71 0.79
N LEU A 318 -24.74 -10.48 0.61
CA LEU A 318 -23.56 -9.97 1.34
C LEU A 318 -23.89 -10.03 2.82
N LYS A 319 -25.06 -9.53 3.17
CA LYS A 319 -25.50 -9.51 4.56
C LYS A 319 -25.66 -10.92 5.10
N LEU A 320 -26.21 -11.84 4.29
CA LEU A 320 -26.37 -13.22 4.73
C LEU A 320 -25.04 -13.85 5.12
N ALA A 321 -24.01 -13.55 4.33
CA ALA A 321 -22.69 -14.10 4.58
C ALA A 321 -22.14 -13.57 5.90
N GLU A 323 -23.85 -12.53 8.45
CA GLU A 323 -24.60 -13.10 9.56
C GLU A 323 -24.23 -14.56 9.74
N ALA A 324 -24.04 -15.27 8.63
CA ALA A 324 -23.69 -16.67 8.67
C ALA A 324 -22.40 -16.90 9.47
N PHE A 325 -21.43 -16.00 9.30
CA PHE A 325 -20.16 -16.13 10.01
C PHE A 325 -20.38 -16.21 11.51
N GLU A 326 -21.29 -15.39 12.04
CA GLU A 326 -21.56 -15.38 13.46
C GLU A 326 -22.17 -16.69 13.94
N GLN A 327 -22.71 -17.45 12.99
CA GLN A 327 -23.35 -18.73 13.28
C GLN A 327 -22.39 -19.93 13.23
N GLY A 328 -21.18 -19.71 12.72
CA GLY A 328 -20.22 -20.81 12.67
C GLY A 328 -20.03 -21.44 11.29
N GLN A 329 -19.13 -22.41 11.23
CA GLN A 329 -18.83 -23.11 9.98
C GLN A 329 -19.99 -23.88 9.40
N ALA A 330 -20.96 -24.26 10.24
CA ALA A 330 -22.12 -25.00 9.73
C ALA A 330 -22.95 -24.07 8.85
N ALA A 331 -23.11 -22.83 9.31
CA ALA A 331 -23.88 -21.84 8.55
C ALA A 331 -23.15 -21.37 7.30
N THR A 332 -21.84 -21.11 7.40
CA THR A 332 -21.11 -20.64 6.22
C THR A 332 -21.01 -21.77 5.19
N THR A 333 -20.87 -23.00 5.66
CA THR A 333 -20.79 -24.15 4.77
C THR A 333 -22.13 -24.33 4.06
N ALA A 334 -23.22 -24.25 4.82
CA ALA A 334 -24.55 -24.40 4.24
C ALA A 334 -24.87 -23.26 3.25
N LEU A 335 -24.44 -22.05 3.58
CA LEU A 335 -24.70 -20.89 2.71
C LEU A 335 -23.98 -21.11 1.39
N ASN A 336 -22.70 -21.45 1.48
CA ASN A 336 -21.90 -21.69 0.29
C ASN A 336 -22.55 -22.75 -0.59
N ALA A 337 -22.95 -23.85 0.04
CA ALA A 337 -23.58 -24.97 -0.65
C ALA A 337 -24.90 -24.55 -1.30
N ALA A 338 -25.79 -23.96 -0.50
CA ALA A 338 -27.07 -23.54 -1.02
C ALA A 338 -26.90 -22.67 -2.26
N ASN A 339 -25.95 -21.73 -2.18
CA ASN A 339 -25.67 -20.78 -3.26
C ASN A 339 -25.21 -21.46 -4.56
N GLU A 340 -24.49 -22.56 -4.44
CA GLU A 340 -24.03 -23.29 -5.62
C GLU A 340 -25.26 -23.78 -6.36
N ILE A 341 -26.18 -24.35 -5.58
CA ILE A 341 -27.41 -24.89 -6.12
C ILE A 341 -28.32 -23.79 -6.68
N THR A 342 -28.54 -22.74 -5.90
CA THR A 342 -29.42 -21.67 -6.36
C THR A 342 -28.86 -20.92 -7.57
N VAL A 343 -27.57 -20.59 -7.55
CA VAL A 343 -26.99 -19.90 -8.69
C VAL A 343 -27.14 -20.78 -9.94
N ALA A 344 -26.83 -22.08 -9.81
CA ALA A 344 -26.93 -23.00 -10.95
C ALA A 344 -28.37 -23.04 -11.45
N ALA A 345 -29.31 -23.00 -10.51
CA ALA A 345 -30.73 -23.03 -10.86
C ALA A 345 -31.11 -21.76 -11.61
N PHE A 346 -30.50 -20.64 -11.22
CA PHE A 346 -30.77 -19.36 -11.88
C PHE A 346 -30.26 -19.40 -13.32
N LEU A 347 -29.04 -19.92 -13.47
CA LEU A 347 -28.43 -20.03 -14.78
C LEU A 347 -29.26 -20.92 -15.70
N ALA A 348 -29.89 -21.95 -15.11
CA ALA A 348 -30.74 -22.88 -15.86
C ALA A 348 -32.14 -22.31 -16.00
N GLN A 349 -32.33 -21.07 -15.56
CA GLN A 349 -33.60 -20.39 -15.66
C GLN A 349 -34.77 -21.09 -14.96
N GLN A 350 -34.49 -21.71 -13.81
CA GLN A 350 -35.52 -22.38 -13.04
C GLN A 350 -36.05 -21.41 -11.98
N ILE A 351 -35.26 -20.40 -11.64
CA ILE A 351 -35.66 -19.42 -10.64
C ILE A 351 -35.19 -18.01 -11.04
N ARG A 352 -35.74 -17.00 -10.38
CA ARG A 352 -35.39 -15.60 -10.65
C ARG A 352 -34.08 -15.19 -9.99
N PHE A 353 -33.47 -14.13 -10.50
CA PHE A 353 -32.22 -13.64 -9.94
C PHE A 353 -32.36 -13.39 -8.45
N THR A 354 -33.48 -12.79 -8.05
CA THR A 354 -33.74 -12.50 -6.65
C THR A 354 -34.08 -13.74 -5.83
N ASP A 355 -34.35 -14.87 -6.50
CA ASP A 355 -34.66 -16.09 -5.77
C ASP A 355 -33.38 -16.69 -5.16
N ILE A 356 -32.22 -16.26 -5.65
CA ILE A 356 -30.95 -16.74 -5.14
C ILE A 356 -30.80 -16.40 -3.66
N ALA A 357 -30.86 -15.11 -3.35
CA ALA A 357 -30.75 -14.68 -1.95
C ALA A 357 -31.89 -15.24 -1.14
N ALA A 358 -33.10 -15.23 -1.71
CA ALA A 358 -34.29 -15.72 -1.03
C ALA A 358 -34.18 -17.18 -0.64
N LEU A 359 -33.82 -18.03 -1.60
CA LEU A 359 -33.66 -19.45 -1.30
C LEU A 359 -32.44 -19.72 -0.41
N ASN A 360 -31.35 -18.96 -0.60
CA ASN A 360 -30.16 -19.16 0.23
C ASN A 360 -30.56 -18.97 1.69
N LEU A 361 -31.30 -17.90 1.98
CA LEU A 361 -31.74 -17.62 3.33
C LEU A 361 -32.64 -18.75 3.84
N SER A 362 -33.56 -19.16 2.99
CA SER A 362 -34.51 -20.21 3.34
C SER A 362 -33.84 -21.53 3.72
N VAL A 363 -32.80 -21.93 2.99
CA VAL A 363 -32.13 -23.18 3.33
C VAL A 363 -31.39 -23.02 4.66
N LEU A 364 -30.82 -21.84 4.89
CA LEU A 364 -30.10 -21.60 6.14
C LEU A 364 -31.03 -21.73 7.33
N GLU A 365 -32.23 -21.18 7.19
CA GLU A 365 -33.23 -21.21 8.25
C GLU A 365 -33.70 -22.62 8.57
N LYS A 366 -33.61 -23.53 7.62
CA LYS A 366 -34.04 -24.90 7.85
C LYS A 366 -32.92 -25.80 8.35
N ASP A 368 -30.11 -27.41 10.67
CA ASP A 368 -30.08 -27.61 12.11
C ASP A 368 -28.68 -27.99 12.58
N ARG A 370 -25.05 -28.36 13.66
CA ARG A 370 -24.21 -27.26 14.09
C ARG A 370 -22.74 -27.59 14.29
N GLU A 371 -21.91 -26.58 13.99
CA GLU A 371 -20.46 -26.63 14.09
C GLU A 371 -19.75 -27.97 13.88
N PRO A 372 -19.24 -28.20 12.67
CA PRO A 372 -18.54 -29.44 12.32
C PRO A 372 -17.20 -29.49 13.08
N GLN A 373 -16.69 -30.69 13.31
CA GLN A 373 -15.45 -30.87 14.04
C GLN A 373 -14.26 -31.33 13.19
N CYS A 374 -14.53 -31.77 11.97
CA CYS A 374 -13.50 -32.24 11.04
C CYS A 374 -14.00 -31.95 9.65
N VAL A 375 -13.17 -32.13 8.63
CA VAL A 375 -13.60 -31.86 7.27
C VAL A 375 -14.74 -32.79 6.86
N ASP A 376 -14.73 -34.01 7.39
CA ASP A 376 -15.77 -34.95 7.05
C ASP A 376 -17.12 -34.42 7.53
N ASP A 377 -17.11 -33.73 8.66
CA ASP A 377 -18.33 -33.15 9.19
C ASP A 377 -18.84 -32.05 8.24
N VAL A 378 -17.94 -31.18 7.79
CA VAL A 378 -18.37 -30.10 6.88
C VAL A 378 -18.84 -30.68 5.55
N LEU A 379 -18.20 -31.77 5.12
CA LEU A 379 -18.60 -32.40 3.85
C LEU A 379 -20.05 -32.86 4.01
N SER A 380 -20.39 -33.32 5.20
CA SER A 380 -21.74 -33.78 5.50
C SER A 380 -22.73 -32.61 5.54
N VAL A 381 -22.32 -31.49 6.11
CA VAL A 381 -23.20 -30.32 6.16
C VAL A 381 -23.43 -29.84 4.73
N ASP A 382 -22.35 -29.85 3.94
CA ASP A 382 -22.40 -29.43 2.55
C ASP A 382 -23.43 -30.24 1.79
N ALA A 383 -23.30 -31.56 1.87
CA ALA A 383 -24.21 -32.47 1.19
C ALA A 383 -25.66 -32.24 1.61
N ASN A 384 -25.87 -32.04 2.92
CA ASN A 384 -27.23 -31.82 3.42
C ASN A 384 -27.82 -30.50 2.95
N ALA A 385 -27.04 -29.43 2.98
CA ALA A 385 -27.53 -28.14 2.53
C ALA A 385 -27.87 -28.19 1.04
N ARG A 386 -27.07 -28.91 0.25
CA ARG A 386 -27.35 -29.01 -1.19
C ARG A 386 -28.70 -29.66 -1.43
N GLU A 387 -28.99 -30.71 -0.68
CA GLU A 387 -30.27 -31.40 -0.84
C GLU A 387 -31.41 -30.47 -0.45
N VAL A 388 -31.29 -29.80 0.69
CA VAL A 388 -32.35 -28.89 1.10
C VAL A 388 -32.53 -27.82 0.01
N ALA A 389 -31.41 -27.34 -0.51
CA ALA A 389 -31.46 -26.31 -1.55
C ALA A 389 -32.19 -26.82 -2.80
N ARG A 390 -31.83 -28.01 -3.25
CA ARG A 390 -32.46 -28.59 -4.43
C ARG A 390 -33.99 -28.70 -4.27
N LYS A 391 -34.42 -29.12 -3.09
CA LYS A 391 -35.83 -29.26 -2.82
C LYS A 391 -36.53 -27.89 -2.84
N GLU A 392 -35.83 -26.87 -2.37
CA GLU A 392 -36.39 -25.51 -2.35
C GLU A 392 -36.55 -25.00 -3.78
N VAL A 393 -35.58 -25.32 -4.63
CA VAL A 393 -35.64 -24.90 -6.02
C VAL A 393 -36.77 -25.61 -6.75
N ARG A 395 -39.44 -26.91 -5.41
CA ARG A 395 -40.70 -26.48 -4.86
C ARG A 395 -41.11 -25.17 -5.52
N LEU A 396 -40.14 -24.26 -5.63
CA LEU A 396 -40.38 -22.95 -6.22
C LEU A 396 -40.55 -23.02 -7.74
N ALA A 397 -39.84 -23.95 -8.38
CA ALA A 397 -39.93 -24.10 -9.82
C ALA A 397 -40.95 -25.16 -10.21
N SER A 398 -42.13 -25.09 -9.58
CA SER A 398 -43.19 -26.03 -9.85
C SER A 398 -44.48 -25.58 -9.16
N SER A 399 -44.33 -25.20 -7.89
CA SER A 399 -45.47 -24.75 -7.09
C SER A 399 -45.60 -23.23 -7.10
N ALA A 400 -44.65 -22.56 -6.45
CA ALA A 400 -44.64 -21.09 -6.37
C ALA A 400 -44.02 -20.46 -7.62
N GLY B 1 8.79 6.39 26.93
CA GLY B 1 9.39 5.34 26.05
C GLY B 1 10.58 5.88 25.31
N LYS B 2 10.35 6.41 24.11
CA LYS B 2 11.45 6.97 23.34
C LYS B 2 11.72 8.42 23.67
N GLN B 3 13.01 8.77 23.72
CA GLN B 3 13.43 10.14 24.03
C GLN B 3 13.64 10.91 22.75
N LEU B 4 13.03 12.09 22.66
CA LEU B 4 13.22 12.85 21.45
C LEU B 4 13.66 14.29 21.62
N THR B 5 14.34 14.76 20.59
CA THR B 5 14.78 16.12 20.53
C THR B 5 14.03 16.63 19.30
N ILE B 6 13.37 17.77 19.45
CA ILE B 6 12.63 18.34 18.35
C ILE B 6 13.32 19.62 17.87
N LEU B 7 13.83 19.58 16.64
CA LEU B 7 14.49 20.71 16.01
C LEU B 7 13.43 21.54 15.30
N GLY B 8 13.17 22.75 15.79
CA GLY B 8 12.15 23.61 15.20
C GLY B 8 10.79 23.21 15.76
N SER B 9 10.67 23.27 17.09
CA SER B 9 9.46 22.85 17.77
C SER B 9 8.27 23.79 17.68
N THR B 10 8.51 25.07 17.46
CA THR B 10 7.43 26.04 17.41
C THR B 10 6.77 26.19 16.05
N GLY B 11 7.32 25.54 15.03
CA GLY B 11 6.72 25.65 13.72
C GLY B 11 5.57 24.68 13.54
N SER B 12 5.02 24.64 12.33
CA SER B 12 3.89 23.77 12.03
C SER B 12 4.15 22.28 12.28
N ILE B 13 5.28 21.79 11.79
CA ILE B 13 5.65 20.38 11.96
C ILE B 13 5.95 20.08 13.42
N GLY B 14 6.68 20.98 14.07
CA GLY B 14 7.00 20.80 15.47
C GLY B 14 5.75 20.73 16.32
N CYS B 15 4.78 21.60 16.04
CA CYS B 15 3.54 21.60 16.81
C CYS B 15 2.73 20.32 16.58
N SER B 16 2.74 19.83 15.35
CA SER B 16 2.01 18.60 15.02
C SER B 16 2.68 17.38 15.67
N THR B 17 4.01 17.40 15.82
CA THR B 17 4.68 16.26 16.43
C THR B 17 4.40 16.30 17.93
N LEU B 18 4.36 17.48 18.51
CA LEU B 18 4.05 17.61 19.93
C LEU B 18 2.61 17.16 20.18
N ASP B 19 1.72 17.35 19.20
CA ASP B 19 0.34 16.90 19.37
C ASP B 19 0.32 15.38 19.38
N VAL B 20 1.22 14.76 18.62
CA VAL B 20 1.28 13.30 18.59
C VAL B 20 1.78 12.77 19.94
N VAL B 21 2.78 13.43 20.52
CA VAL B 21 3.29 12.96 21.81
C VAL B 21 2.18 13.21 22.84
N ARG B 22 1.45 14.30 22.64
CA ARG B 22 0.35 14.62 23.54
C ARG B 22 -0.65 13.46 23.53
N HIS B 23 -0.79 12.81 22.38
CA HIS B 23 -1.70 11.66 22.25
C HIS B 23 -1.07 10.38 22.79
N ASN B 24 0.24 10.39 22.99
CA ASN B 24 0.94 9.19 23.46
C ASN B 24 2.00 9.56 24.50
N PRO B 25 1.59 10.21 25.59
CA PRO B 25 2.48 10.65 26.66
C PRO B 25 3.34 9.55 27.27
N GLU B 26 2.85 8.32 27.30
CA GLU B 26 3.59 7.22 27.89
C GLU B 26 4.60 6.58 26.94
N HIS B 27 4.53 6.90 25.65
CA HIS B 27 5.44 6.34 24.68
C HIS B 27 6.55 7.29 24.26
N PHE B 28 6.34 8.59 24.46
CA PHE B 28 7.35 9.57 24.07
C PHE B 28 7.65 10.59 25.15
N ARG B 29 8.94 10.86 25.35
CA ARG B 29 9.37 11.84 26.33
C ARG B 29 10.19 12.89 25.59
N VAL B 30 9.82 14.15 25.74
CA VAL B 30 10.56 15.23 25.09
C VAL B 30 11.70 15.67 26.00
N VAL B 31 12.94 15.43 25.57
CA VAL B 31 14.08 15.81 26.37
C VAL B 31 14.61 17.19 25.99
N ALA B 32 14.46 17.55 24.72
CA ALA B 32 14.95 18.84 24.26
C ALA B 32 14.14 19.47 23.14
N LEU B 33 13.92 20.77 23.24
CA LEU B 33 13.19 21.50 22.22
C LEU B 33 14.12 22.58 21.69
N VAL B 34 14.07 22.83 20.39
CA VAL B 34 14.90 23.86 19.76
C VAL B 34 14.05 24.69 18.81
N ALA B 35 14.14 26.01 18.93
CA ALA B 35 13.39 26.91 18.06
C ALA B 35 14.21 28.12 17.68
N GLY B 36 13.55 29.14 17.14
CA GLY B 36 14.24 30.34 16.72
C GLY B 36 13.97 31.58 17.56
N LYS B 37 12.85 32.24 17.32
CA LYS B 37 12.52 33.45 18.07
C LYS B 37 11.13 33.47 18.69
N ASN B 38 10.31 32.48 18.39
CA ASN B 38 8.96 32.44 18.94
C ASN B 38 8.99 32.02 20.41
N VAL B 39 9.33 32.97 21.28
CA VAL B 39 9.42 32.71 22.72
C VAL B 39 8.08 32.30 23.34
N THR B 40 7.01 33.00 22.96
CA THR B 40 5.68 32.74 23.49
C THR B 40 5.27 31.28 23.33
N ARG B 41 5.48 30.74 22.13
CA ARG B 41 5.13 29.36 21.84
C ARG B 41 6.06 28.42 22.62
N VAL B 43 7.58 28.81 25.47
CA VAL B 43 7.21 28.77 26.87
C VAL B 43 6.11 27.74 27.07
N GLU B 44 5.03 27.87 26.32
CA GLU B 44 3.91 26.94 26.45
C GLU B 44 4.33 25.50 26.20
N GLN B 45 5.21 25.28 25.24
CA GLN B 45 5.66 23.92 24.96
C GLN B 45 6.50 23.40 26.13
N CYS B 46 7.34 24.27 26.68
CA CYS B 46 8.18 23.87 27.81
C CYS B 46 7.34 23.58 29.03
N LEU B 47 6.27 24.34 29.20
CA LEU B 47 5.39 24.16 30.35
C LEU B 47 4.55 22.91 30.21
N GLU B 48 4.33 22.46 28.98
CA GLU B 48 3.54 21.25 28.80
C GLU B 48 4.34 19.96 28.75
N PHE B 49 5.46 19.97 28.03
CA PHE B 49 6.25 18.77 27.86
C PHE B 49 7.46 18.55 28.73
N SER B 50 7.73 19.49 29.64
CA SER B 50 8.83 19.38 30.59
C SER B 50 10.17 18.92 30.03
N PRO B 51 10.64 19.56 28.95
CA PRO B 51 11.93 19.13 28.40
C PRO B 51 13.05 19.51 29.37
N ARG B 52 14.17 18.80 29.29
CA ARG B 52 15.30 19.09 30.14
C ARG B 52 15.97 20.36 29.60
N TYR B 53 15.95 20.51 28.28
CA TYR B 53 16.55 21.67 27.63
C TYR B 53 15.64 22.34 26.62
N ALA B 54 15.79 23.66 26.49
CA ALA B 54 15.05 24.45 25.52
C ALA B 54 16.11 25.37 24.91
N VAL B 55 16.22 25.34 23.58
CA VAL B 55 17.22 26.13 22.89
C VAL B 55 16.63 27.11 21.89
N ASP B 57 17.68 29.97 18.92
CA ASP B 57 18.84 30.31 18.09
C ASP B 57 19.30 31.71 18.44
N ASP B 58 18.33 32.62 18.48
CA ASP B 58 18.55 34.02 18.81
C ASP B 58 18.93 34.16 20.29
N GLU B 59 20.08 34.79 20.54
CA GLU B 59 20.59 34.98 21.90
C GLU B 59 19.63 35.81 22.77
N ALA B 60 18.97 36.79 22.17
CA ALA B 60 18.04 37.65 22.89
C ALA B 60 16.79 36.90 23.31
N SER B 61 16.25 36.10 22.38
CA SER B 61 15.06 35.31 22.63
C SER B 61 15.28 34.34 23.80
N ALA B 62 16.49 33.78 23.86
CA ALA B 62 16.84 32.83 24.92
C ALA B 62 16.77 33.48 26.29
N LYS B 63 17.36 34.67 26.40
CA LYS B 63 17.37 35.40 27.66
C LYS B 63 15.93 35.68 28.08
N LEU B 64 15.11 36.06 27.12
CA LEU B 64 13.70 36.35 27.35
C LEU B 64 12.94 35.08 27.77
N LEU B 65 13.25 33.97 27.12
CA LEU B 65 12.61 32.68 27.44
C LEU B 65 12.96 32.31 28.87
N LYS B 66 14.23 32.51 29.23
CA LYS B 66 14.74 32.19 30.55
C LYS B 66 13.97 32.90 31.66
N THR B 67 13.75 34.20 31.53
CA THR B 67 13.04 34.95 32.56
C THR B 67 11.58 34.51 32.61
N LEU B 69 10.33 31.38 31.89
CA LEU B 69 10.25 30.08 32.55
C LEU B 69 10.46 30.21 34.06
N GLN B 70 11.34 31.12 34.46
CA GLN B 70 11.61 31.31 35.87
C GLN B 70 10.39 31.93 36.54
N GLN B 71 9.76 32.88 35.86
CA GLN B 71 8.57 33.52 36.41
C GLN B 71 7.47 32.47 36.56
N GLN B 72 7.47 31.50 35.64
CA GLN B 72 6.47 30.43 35.66
C GLN B 72 6.88 29.24 36.53
N GLY B 73 8.07 29.29 37.11
CA GLY B 73 8.53 28.21 37.97
C GLY B 73 9.12 26.98 37.32
N SER B 74 9.40 27.05 36.02
CA SER B 74 9.98 25.90 35.32
C SER B 74 11.49 25.85 35.43
N ARG B 75 12.02 24.66 35.62
CA ARG B 75 13.45 24.46 35.75
C ARG B 75 14.12 24.04 34.43
N THR B 76 13.42 24.17 33.31
CA THR B 76 13.98 23.81 32.01
C THR B 76 15.24 24.66 31.75
N GLU B 77 16.38 24.01 31.54
CA GLU B 77 17.61 24.74 31.27
C GLU B 77 17.58 25.34 29.87
N VAL B 78 17.79 26.65 29.80
CA VAL B 78 17.78 27.35 28.51
C VAL B 78 19.18 27.51 27.93
N LEU B 79 19.29 27.29 26.62
CA LEU B 79 20.56 27.44 25.92
C LEU B 79 20.29 28.28 24.68
N SER B 80 21.35 28.74 24.02
CA SER B 80 21.21 29.56 22.82
C SER B 80 22.31 29.24 21.80
N GLY B 81 22.03 29.48 20.53
CA GLY B 81 23.04 29.24 19.51
C GLY B 81 22.97 27.96 18.71
N GLN B 82 23.63 27.97 17.55
CA GLN B 82 23.67 26.82 16.66
C GLN B 82 24.36 25.62 17.27
N GLN B 83 25.46 25.85 17.98
CA GLN B 83 26.16 24.73 18.58
C GLN B 83 25.26 24.02 19.58
N ALA B 84 24.55 24.82 20.39
CA ALA B 84 23.64 24.25 21.37
C ALA B 84 22.60 23.41 20.63
N ALA B 85 22.10 23.92 19.51
CA ALA B 85 21.11 23.18 18.74
C ALA B 85 21.70 21.84 18.28
N CYS B 86 22.96 21.84 17.85
CA CYS B 86 23.61 20.61 17.40
C CYS B 86 23.82 19.63 18.55
N ASP B 87 24.14 20.16 19.74
CA ASP B 87 24.35 19.30 20.90
C ASP B 87 23.06 18.58 21.28
N ALA B 89 20.75 17.67 19.24
CA ALA B 89 20.54 16.65 18.23
C ALA B 89 21.46 15.46 18.42
N ALA B 90 22.47 15.63 19.28
CA ALA B 90 23.43 14.55 19.51
C ALA B 90 23.42 14.01 20.94
N LEU B 91 22.48 14.49 21.75
CA LEU B 91 22.35 14.05 23.14
C LEU B 91 22.41 12.52 23.21
N GLU B 92 23.31 12.01 24.04
CA GLU B 92 23.50 10.59 24.20
C GLU B 92 22.25 9.77 24.50
N ASP B 93 21.33 10.35 25.26
CA ASP B 93 20.12 9.63 25.62
C ASP B 93 18.97 9.69 24.61
N VAL B 94 18.98 10.66 23.71
CA VAL B 94 17.87 10.78 22.76
C VAL B 94 17.88 9.65 21.74
N ASP B 95 16.68 9.20 21.38
CA ASP B 95 16.52 8.13 20.42
C ASP B 95 16.19 8.70 19.05
N GLN B 96 15.27 9.65 19.01
CA GLN B 96 14.85 10.25 17.75
C GLN B 96 15.01 11.74 17.72
N VAL B 97 15.26 12.25 16.52
CA VAL B 97 15.42 13.66 16.32
C VAL B 97 14.48 14.08 15.20
N ALA B 99 13.73 16.43 12.69
CA ALA B 99 14.48 17.51 12.05
C ALA B 99 13.52 18.40 11.26
N ALA B 100 12.97 19.40 11.93
CA ALA B 100 12.01 20.28 11.29
C ALA B 100 12.47 21.74 11.18
N ILE B 101 13.77 21.98 11.26
CA ILE B 101 14.26 23.35 11.13
C ILE B 101 14.30 23.64 9.63
N VAL B 102 13.70 24.76 9.23
CA VAL B 102 13.66 25.15 7.82
C VAL B 102 14.92 25.89 7.34
N GLY B 103 15.14 25.87 6.03
CA GLY B 103 16.28 26.55 5.44
C GLY B 103 17.65 25.96 5.75
N ALA B 104 18.68 26.71 5.41
CA ALA B 104 20.06 26.30 5.63
C ALA B 104 20.38 26.11 7.11
N ALA B 105 19.65 26.82 7.97
CA ALA B 105 19.86 26.73 9.40
C ALA B 105 19.63 25.32 9.94
N GLY B 106 18.92 24.50 9.18
CA GLY B 106 18.67 23.14 9.64
C GLY B 106 19.78 22.16 9.30
N LEU B 107 20.67 22.55 8.41
CA LEU B 107 21.76 21.67 7.97
C LEU B 107 22.66 21.07 9.06
N LEU B 108 23.39 21.93 9.77
CA LEU B 108 24.31 21.44 10.80
C LEU B 108 23.62 20.61 11.88
N PRO B 109 22.51 21.12 12.44
CA PRO B 109 21.80 20.36 13.49
C PRO B 109 21.40 18.97 13.00
N THR B 110 20.88 18.90 11.78
CA THR B 110 20.45 17.61 11.23
C THR B 110 21.66 16.70 11.06
N LEU B 111 22.75 17.26 10.55
CA LEU B 111 23.98 16.50 10.34
C LEU B 111 24.50 15.95 11.67
N ALA B 112 24.46 16.77 12.71
CA ALA B 112 24.92 16.35 14.03
C ALA B 112 24.13 15.13 14.49
N ALA B 113 22.83 15.13 14.22
CA ALA B 113 21.98 14.02 14.61
C ALA B 113 22.39 12.79 13.79
N ILE B 114 22.68 13.00 12.51
CA ILE B 114 23.08 11.90 11.63
C ILE B 114 24.40 11.29 12.13
N ARG B 115 25.42 12.13 12.32
CA ARG B 115 26.71 11.64 12.78
C ARG B 115 26.63 10.92 14.13
N ALA B 116 25.62 11.25 14.93
CA ALA B 116 25.45 10.60 16.22
C ALA B 116 24.68 9.30 16.04
N GLY B 117 24.29 9.01 14.81
CA GLY B 117 23.56 7.78 14.53
C GLY B 117 22.17 7.70 15.10
N LYS B 118 21.53 8.85 15.31
CA LYS B 118 20.18 8.87 15.86
C LYS B 118 19.15 8.48 14.79
N THR B 119 17.93 8.18 15.23
CA THR B 119 16.89 7.86 14.27
C THR B 119 16.45 9.26 13.86
N ILE B 120 16.50 9.53 12.56
CA ILE B 120 16.16 10.85 12.06
C ILE B 120 14.77 10.95 11.42
N LEU B 121 13.92 11.78 12.01
CA LEU B 121 12.59 12.03 11.47
C LEU B 121 12.85 13.22 10.55
N LEU B 122 13.10 12.95 9.28
CA LEU B 122 13.44 14.01 8.34
C LEU B 122 12.31 14.80 7.70
N ALA B 123 12.22 16.08 8.07
CA ALA B 123 11.20 16.96 7.51
C ALA B 123 11.91 18.06 6.71
N ASN B 124 13.09 18.45 7.15
CA ASN B 124 13.89 19.49 6.50
C ASN B 124 14.19 19.16 5.02
N LYS B 125 13.63 19.95 4.10
CA LYS B 125 13.86 19.73 2.67
C LYS B 125 15.28 20.04 2.21
N GLU B 126 15.82 21.17 2.64
CA GLU B 126 17.16 21.57 2.26
C GLU B 126 18.20 20.48 2.47
N SER B 127 18.00 19.68 3.50
CA SER B 127 18.95 18.61 3.80
C SER B 127 19.36 17.80 2.58
N LEU B 128 18.40 17.23 1.87
CA LEU B 128 18.70 16.42 0.71
C LEU B 128 18.76 17.20 -0.61
N VAL B 129 18.01 18.29 -0.70
CA VAL B 129 18.02 19.09 -1.92
C VAL B 129 19.39 19.71 -2.16
N THR B 130 20.06 20.12 -1.07
CA THR B 130 21.36 20.74 -1.19
C THR B 130 22.53 19.87 -0.74
N CYS B 131 22.31 19.00 0.24
CA CYS B 131 23.36 18.13 0.75
C CYS B 131 23.09 16.64 0.61
N GLY B 132 22.26 16.27 -0.36
CA GLY B 132 21.93 14.87 -0.56
C GLY B 132 23.12 13.93 -0.49
N ARG B 133 24.15 14.23 -1.27
CA ARG B 133 25.36 13.41 -1.32
C ARG B 133 26.03 13.30 0.05
N LEU B 134 26.34 14.44 0.64
CA LEU B 134 26.99 14.50 1.93
C LEU B 134 26.21 13.78 3.02
N PHE B 135 24.90 14.04 3.10
CA PHE B 135 24.08 13.40 4.11
C PHE B 135 23.86 11.91 3.94
N ASP B 137 25.83 9.92 2.56
CA ASP B 137 27.11 9.30 2.89
C ASP B 137 27.26 9.26 4.41
N ALA B 138 26.87 10.34 5.06
CA ALA B 138 26.95 10.41 6.52
C ALA B 138 26.07 9.36 7.17
N VAL B 139 24.87 9.17 6.64
CA VAL B 139 23.94 8.18 7.18
C VAL B 139 24.51 6.77 7.05
N LYS B 140 25.22 6.52 5.96
CA LYS B 140 25.79 5.20 5.74
C LYS B 140 26.89 4.90 6.78
N GLN B 141 27.79 5.86 6.99
CA GLN B 141 28.88 5.67 7.94
C GLN B 141 28.41 5.49 9.39
N SER B 142 27.44 6.29 9.83
CA SER B 142 26.96 6.21 11.21
C SER B 142 25.88 5.16 11.41
N LYS B 143 25.20 4.79 10.33
CA LYS B 143 24.13 3.81 10.38
C LYS B 143 22.86 4.38 11.03
N ALA B 144 22.66 5.69 10.91
CA ALA B 144 21.48 6.34 11.46
C ALA B 144 20.28 5.98 10.57
N GLN B 145 19.11 5.79 11.17
CA GLN B 145 17.91 5.44 10.44
C GLN B 145 17.16 6.69 10.02
N LEU B 146 17.00 6.90 8.72
CA LEU B 146 16.25 8.05 8.23
C LEU B 146 14.80 7.62 8.06
N LEU B 147 13.88 8.46 8.52
CA LEU B 147 12.45 8.17 8.38
C LEU B 147 11.86 9.47 7.81
N PRO B 148 11.51 9.45 6.51
CA PRO B 148 10.95 10.65 5.87
C PRO B 148 9.58 11.04 6.42
N VAL B 149 9.47 12.31 6.81
CA VAL B 149 8.26 12.87 7.36
C VAL B 149 7.34 13.46 6.30
N ASP B 150 7.94 14.07 5.30
CA ASP B 150 7.19 14.67 4.18
C ASP B 150 6.14 13.68 3.68
N SER B 151 4.94 14.19 3.42
CA SER B 151 3.82 13.37 2.95
C SER B 151 4.16 12.35 1.86
N GLU B 152 4.73 12.82 0.76
CA GLU B 152 5.06 11.95 -0.37
C GLU B 152 6.13 10.91 -0.05
N HIS B 153 7.26 11.37 0.47
CA HIS B 153 8.35 10.46 0.80
C HIS B 153 7.93 9.44 1.85
N ASN B 154 7.06 9.85 2.76
CA ASN B 154 6.58 8.96 3.81
C ASN B 154 5.69 7.86 3.23
N ALA B 155 4.83 8.25 2.29
CA ALA B 155 3.94 7.29 1.63
C ALA B 155 4.78 6.29 0.86
N ILE B 156 5.81 6.77 0.19
CA ILE B 156 6.70 5.89 -0.56
C ILE B 156 7.39 4.94 0.43
N PHE B 157 7.86 5.48 1.54
CA PHE B 157 8.54 4.67 2.54
C PHE B 157 7.60 3.55 3.01
N GLN B 158 6.38 3.91 3.37
CA GLN B 158 5.40 2.94 3.83
C GLN B 158 5.08 1.88 2.78
N SER B 159 5.26 2.23 1.50
CA SER B 159 4.95 1.32 0.39
C SER B 159 6.16 0.55 -0.12
N LEU B 160 7.26 0.66 0.60
CA LEU B 160 8.51 0.00 0.22
C LEU B 160 8.72 -1.23 1.11
N PRO B 161 9.46 -2.23 0.60
CA PRO B 161 9.71 -3.45 1.37
C PRO B 161 10.60 -3.21 2.59
N GLN B 162 10.44 -4.07 3.60
CA GLN B 162 11.20 -4.00 4.85
C GLN B 162 12.70 -3.79 4.70
N PRO B 163 13.36 -4.58 3.82
CA PRO B 163 14.82 -4.44 3.62
C PRO B 163 15.26 -3.06 3.17
N ILE B 164 14.39 -2.33 2.47
CA ILE B 164 14.75 -1.00 2.03
C ILE B 164 14.48 0.00 3.16
N GLN B 165 13.36 -0.18 3.86
CA GLN B 165 13.03 0.71 4.98
C GLN B 165 14.21 0.75 5.94
N HIS B 166 14.75 -0.43 6.26
CA HIS B 166 15.94 -0.50 7.11
C HIS B 166 17.05 -0.26 6.10
N ASN B 167 18.14 0.36 6.51
CA ASN B 167 19.22 0.61 5.57
C ASN B 167 18.71 1.44 4.38
N LEU B 168 17.91 2.46 4.69
CA LEU B 168 17.35 3.34 3.67
C LEU B 168 18.43 4.18 3.00
N GLY B 169 18.35 4.30 1.69
CA GLY B 169 19.32 5.09 0.96
C GLY B 169 20.41 4.29 0.28
N TYR B 170 20.97 3.31 0.99
CA TYR B 170 22.02 2.49 0.41
C TYR B 170 21.60 1.05 0.12
N ALA B 171 20.30 0.85 -0.10
CA ALA B 171 19.76 -0.46 -0.41
C ALA B 171 19.43 -0.48 -1.91
N ASP B 172 19.51 -1.64 -2.54
CA ASP B 172 19.24 -1.74 -3.96
C ASP B 172 17.75 -1.94 -4.24
N LEU B 173 17.15 -1.01 -4.97
CA LEU B 173 15.74 -1.08 -5.32
C LEU B 173 15.44 -2.29 -6.20
N GLU B 174 16.17 -2.41 -7.29
CA GLU B 174 15.99 -3.51 -8.22
C GLU B 174 16.09 -4.87 -7.53
N GLN B 175 17.07 -5.01 -6.63
CA GLN B 175 17.27 -6.25 -5.91
C GLN B 175 16.14 -6.59 -4.94
N ASN B 176 15.30 -5.61 -4.63
CA ASN B 176 14.18 -5.87 -3.72
C ASN B 176 12.85 -5.86 -4.43
N GLY B 177 12.89 -6.06 -5.74
CA GLY B 177 11.68 -6.12 -6.54
C GLY B 177 10.97 -4.84 -6.89
N VAL B 178 11.60 -3.70 -6.61
CA VAL B 178 11.01 -2.40 -6.92
C VAL B 178 11.40 -1.92 -8.32
N VAL B 179 10.39 -1.61 -9.13
CA VAL B 179 10.59 -1.14 -10.49
C VAL B 179 10.76 0.37 -10.52
N SER B 180 9.85 1.07 -9.87
CA SER B 180 9.92 2.52 -9.82
C SER B 180 9.12 3.09 -8.67
N ILE B 181 9.39 4.36 -8.40
CA ILE B 181 8.75 5.10 -7.35
C ILE B 181 7.86 6.12 -8.04
N LEU B 182 6.57 6.12 -7.66
CA LEU B 182 5.61 7.02 -8.26
C LEU B 182 5.32 8.20 -7.33
N LEU B 183 5.88 9.34 -7.69
CA LEU B 183 5.73 10.56 -6.92
C LEU B 183 4.51 11.34 -7.41
N THR B 184 3.50 11.48 -6.55
CA THR B 184 2.29 12.18 -6.91
C THR B 184 2.20 13.62 -6.41
N GLY B 185 1.43 14.43 -7.14
CA GLY B 185 1.24 15.83 -6.79
C GLY B 185 -0.08 16.33 -7.36
N SER B 186 -0.65 17.37 -6.76
CA SER B 186 -1.94 17.87 -7.22
C SER B 186 -1.92 18.55 -8.58
N GLY B 187 -0.78 19.10 -8.98
CA GLY B 187 -0.72 19.79 -10.26
C GLY B 187 -0.99 21.29 -10.06
N GLY B 188 -1.44 21.63 -8.85
CA GLY B 188 -1.69 23.03 -8.55
C GLY B 188 -2.99 23.61 -9.08
N PRO B 189 -3.26 24.89 -8.77
CA PRO B 189 -4.48 25.58 -9.20
C PRO B 189 -4.56 25.91 -10.69
N PHE B 190 -3.42 25.87 -11.38
CA PHE B 190 -3.39 26.19 -12.80
C PHE B 190 -3.27 24.97 -13.69
N ARG B 191 -3.69 23.83 -13.16
CA ARG B 191 -3.63 22.57 -13.89
C ARG B 191 -4.34 22.63 -15.25
N GLU B 192 -5.44 23.37 -15.33
CA GLU B 192 -6.19 23.44 -16.59
C GLU B 192 -6.30 24.84 -17.22
N THR B 193 -5.67 25.83 -16.60
CA THR B 193 -5.73 27.18 -17.13
C THR B 193 -4.97 27.25 -18.45
N PRO B 194 -5.48 28.04 -19.42
CA PRO B 194 -4.81 28.15 -20.71
C PRO B 194 -3.37 28.60 -20.52
N LEU B 195 -2.44 27.90 -21.15
CA LEU B 195 -1.02 28.23 -21.05
C LEU B 195 -0.83 29.73 -21.26
N ARG B 196 -1.54 30.26 -22.24
CA ARG B 196 -1.49 31.67 -22.61
C ARG B 196 -1.72 32.60 -21.42
N ASP B 197 -2.56 32.16 -20.47
CA ASP B 197 -2.88 32.97 -19.31
C ASP B 197 -1.95 32.86 -18.11
N LEU B 198 -1.08 31.85 -18.10
CA LEU B 198 -0.17 31.69 -16.96
C LEU B 198 0.61 32.96 -16.62
N ALA B 199 1.04 33.68 -17.64
CA ALA B 199 1.81 34.90 -17.45
C ALA B 199 1.07 35.99 -16.66
N THR B 200 -0.27 35.93 -16.68
CA THR B 200 -1.06 36.93 -15.99
C THR B 200 -1.61 36.48 -14.64
N THR B 202 -2.13 35.91 -10.81
CA THR B 202 -1.78 36.75 -9.67
C THR B 202 -1.35 35.92 -8.46
N PRO B 203 -0.63 36.53 -7.52
CA PRO B 203 -0.18 35.83 -6.32
C PRO B 203 -1.34 35.15 -5.59
N ASP B 204 -2.46 35.86 -5.47
CA ASP B 204 -3.63 35.32 -4.78
C ASP B 204 -4.23 34.10 -5.49
N GLN B 205 -4.19 34.11 -6.82
CA GLN B 205 -4.71 32.99 -7.59
C GLN B 205 -3.76 31.81 -7.41
N ALA B 206 -2.46 32.11 -7.44
CA ALA B 206 -1.42 31.10 -7.30
C ALA B 206 -1.37 30.46 -5.92
N CYS B 207 -1.78 31.21 -4.90
CA CYS B 207 -1.74 30.71 -3.54
C CYS B 207 -2.96 29.93 -3.08
N ARG B 208 -3.89 29.68 -3.99
CA ARG B 208 -5.07 28.90 -3.64
C ARG B 208 -4.75 27.44 -3.94
N HIS B 209 -4.42 26.67 -2.92
CA HIS B 209 -4.12 25.26 -3.14
C HIS B 209 -5.40 24.55 -3.55
N PRO B 210 -5.34 23.77 -4.65
CA PRO B 210 -6.48 23.03 -5.18
C PRO B 210 -7.24 22.13 -4.21
N ASN B 211 -6.69 21.91 -3.02
CA ASN B 211 -7.36 21.06 -2.04
C ASN B 211 -7.40 21.65 -0.64
N TRP B 212 -6.26 22.20 -0.21
CA TRP B 212 -6.16 22.79 1.12
C TRP B 212 -5.03 23.81 1.20
N SER B 213 -5.35 24.98 1.76
CA SER B 213 -4.38 26.07 1.89
C SER B 213 -3.13 25.74 2.71
N GLY B 215 1.27 27.51 3.21
CA GLY B 215 2.02 28.74 3.17
C GLY B 215 2.04 29.29 1.76
N ARG B 216 2.22 30.59 1.60
CA ARG B 216 2.23 31.19 0.28
C ARG B 216 3.39 30.66 -0.57
N LYS B 217 4.57 30.57 0.02
CA LYS B 217 5.75 30.07 -0.70
C LYS B 217 5.51 28.67 -1.26
N ILE B 218 5.08 27.75 -0.39
CA ILE B 218 4.84 26.38 -0.80
C ILE B 218 3.69 26.30 -1.82
N SER B 219 2.68 27.14 -1.66
CA SER B 219 1.56 27.16 -2.60
C SER B 219 2.02 27.50 -4.00
N VAL B 220 2.91 28.48 -4.12
CA VAL B 220 3.44 28.87 -5.43
C VAL B 220 4.25 27.71 -6.01
N ASP B 221 5.06 27.07 -5.18
CA ASP B 221 5.88 25.93 -5.59
C ASP B 221 4.99 24.79 -6.10
N SER B 222 3.78 24.73 -5.55
CA SER B 222 2.81 23.70 -5.96
C SER B 222 2.18 24.09 -7.30
N ALA B 223 2.08 25.40 -7.56
CA ALA B 223 1.51 25.89 -8.80
C ALA B 223 2.50 25.74 -9.96
N THR B 224 3.79 25.82 -9.66
CA THR B 224 4.82 25.66 -10.69
C THR B 224 5.32 24.23 -10.72
N ASN B 227 7.85 22.33 -6.30
CA ASN B 227 7.75 21.55 -5.08
C ASN B 227 7.95 20.08 -5.43
N LYS B 228 7.29 19.63 -6.48
CA LYS B 228 7.42 18.24 -6.91
C LYS B 228 8.83 18.01 -7.48
N GLY B 229 9.43 19.05 -8.05
CA GLY B 229 10.77 18.92 -8.58
C GLY B 229 11.74 18.73 -7.42
N LEU B 230 11.52 19.49 -6.35
CA LEU B 230 12.37 19.38 -5.17
C LEU B 230 12.23 17.99 -4.54
N GLU B 231 11.00 17.50 -4.46
CA GLU B 231 10.74 16.17 -3.90
C GLU B 231 11.37 15.09 -4.78
N TYR B 232 11.45 15.36 -6.07
CA TYR B 232 12.07 14.42 -7.01
C TYR B 232 13.56 14.28 -6.65
N ILE B 233 14.21 15.41 -6.39
CA ILE B 233 15.62 15.44 -6.02
C ILE B 233 15.81 14.63 -4.73
N GLU B 234 14.98 14.93 -3.74
CA GLU B 234 15.05 14.24 -2.45
C GLU B 234 14.85 12.74 -2.58
N ALA B 235 13.78 12.36 -3.30
CA ALA B 235 13.45 10.96 -3.50
C ALA B 235 14.60 10.17 -4.10
N ARG B 236 15.27 10.75 -5.09
CA ARG B 236 16.40 10.09 -5.73
C ARG B 236 17.47 9.71 -4.71
N TRP B 237 17.84 10.67 -3.85
CA TRP B 237 18.86 10.43 -2.81
C TRP B 237 18.36 9.48 -1.75
N LEU B 238 17.18 9.80 -1.23
CA LEU B 238 16.54 9.05 -0.18
C LEU B 238 16.30 7.57 -0.49
N PHE B 239 15.80 7.29 -1.68
CA PHE B 239 15.52 5.90 -2.04
C PHE B 239 16.51 5.27 -3.02
N ASN B 240 17.64 5.93 -3.23
CA ASN B 240 18.68 5.41 -4.13
C ASN B 240 18.06 5.02 -5.48
N ALA B 241 17.28 5.93 -6.04
CA ALA B 241 16.62 5.69 -7.32
C ALA B 241 17.25 6.43 -8.47
N SER B 242 17.33 5.76 -9.63
CA SER B 242 17.88 6.37 -10.84
C SER B 242 16.74 7.13 -11.50
N ALA B 243 17.04 7.79 -12.61
CA ALA B 243 16.03 8.56 -13.33
C ALA B 243 14.91 7.67 -13.86
N SER B 244 15.26 6.48 -14.33
CA SER B 244 14.27 5.55 -14.89
C SER B 244 13.44 4.87 -13.81
N GLN B 245 13.86 5.01 -12.56
CA GLN B 245 13.14 4.43 -11.44
C GLN B 245 12.24 5.48 -10.79
N GLU B 247 8.95 8.19 -11.46
CA GLU B 247 7.80 8.56 -12.29
C GLU B 247 7.08 9.68 -11.54
N VAL B 248 6.70 10.74 -12.26
CA VAL B 248 5.98 11.83 -11.62
C VAL B 248 4.58 11.82 -12.20
N LEU B 249 3.59 11.79 -11.33
CA LEU B 249 2.23 11.72 -11.77
C LEU B 249 1.35 12.76 -11.10
N ILE B 250 0.50 13.42 -11.87
CA ILE B 250 -0.43 14.39 -11.32
C ILE B 250 -1.66 13.62 -10.83
N HIS B 251 -2.06 13.90 -9.60
CA HIS B 251 -3.22 13.28 -8.97
C HIS B 251 -3.87 14.44 -8.23
N PRO B 252 -4.81 15.14 -8.90
CA PRO B 252 -5.55 16.30 -8.40
C PRO B 252 -6.17 16.23 -7.02
N GLN B 253 -6.73 15.08 -6.65
CA GLN B 253 -7.40 14.95 -5.37
C GLN B 253 -6.47 14.78 -4.17
N SER B 254 -5.23 14.42 -4.41
CA SER B 254 -4.25 14.26 -3.33
C SER B 254 -4.72 13.30 -2.23
N VAL B 255 -5.49 12.28 -2.61
CA VAL B 255 -5.94 11.29 -1.64
C VAL B 255 -4.81 10.26 -1.56
N ILE B 256 -4.30 9.84 -2.71
CA ILE B 256 -3.16 8.92 -2.74
C ILE B 256 -1.98 9.86 -2.53
N HIS B 257 -1.06 9.52 -1.61
CA HIS B 257 0.08 10.39 -1.33
C HIS B 257 1.38 10.09 -2.07
N SER B 258 1.42 8.92 -2.72
CA SER B 258 2.53 8.44 -3.54
C SER B 258 2.49 6.92 -3.54
N VAL B 260 4.51 2.92 -5.07
CA VAL B 260 5.69 2.15 -5.45
C VAL B 260 5.26 1.02 -6.37
N ARG B 261 5.92 0.95 -7.53
CA ARG B 261 5.62 -0.07 -8.53
C ARG B 261 6.56 -1.26 -8.35
N TYR B 262 6.00 -2.46 -8.37
CA TYR B 262 6.80 -3.67 -8.17
C TYR B 262 6.97 -4.52 -9.43
N GLN B 263 7.99 -5.39 -9.39
CA GLN B 263 8.32 -6.27 -10.51
C GLN B 263 7.19 -7.17 -11.00
N ASP B 264 6.35 -7.64 -10.09
CA ASP B 264 5.25 -8.52 -10.51
C ASP B 264 4.03 -7.76 -11.02
N GLY B 265 4.11 -6.43 -11.09
CA GLY B 265 2.98 -5.64 -11.56
C GLY B 265 2.23 -4.94 -10.45
N SER B 266 2.47 -5.36 -9.21
CA SER B 266 1.83 -4.77 -8.04
C SER B 266 2.23 -3.33 -7.81
N VAL B 267 1.29 -2.54 -7.32
CA VAL B 267 1.56 -1.15 -7.00
C VAL B 267 1.02 -0.97 -5.59
N LEU B 268 1.89 -0.56 -4.67
CA LEU B 268 1.47 -0.33 -3.29
C LEU B 268 1.40 1.18 -3.11
N ALA B 269 0.37 1.64 -2.40
CA ALA B 269 0.18 3.06 -2.20
C ALA B 269 -0.30 3.39 -0.80
N GLN B 270 -0.05 4.63 -0.38
CA GLN B 270 -0.49 5.10 0.93
C GLN B 270 -1.53 6.20 0.66
N LEU B 271 -2.67 6.13 1.34
CA LEU B 271 -3.73 7.12 1.21
C LEU B 271 -4.06 7.63 2.60
N GLY B 272 -4.70 8.80 2.67
CA GLY B 272 -5.06 9.34 3.96
C GLY B 272 -5.53 10.79 3.89
N GLU B 273 -5.86 11.35 5.04
CA GLU B 273 -6.30 12.74 5.15
C GLU B 273 -5.07 13.62 4.95
N PRO B 274 -5.30 14.91 4.66
CA PRO B 274 -4.23 15.90 4.46
C PRO B 274 -3.76 16.43 5.81
N ASP B 275 -3.36 15.53 6.70
CA ASP B 275 -2.94 15.92 8.03
C ASP B 275 -1.55 15.39 8.34
N ARG B 277 0.01 14.96 10.88
CA ARG B 277 0.16 14.12 12.06
C ARG B 277 0.27 12.65 11.66
N THR B 278 -0.34 12.28 10.53
CA THR B 278 -0.27 10.90 10.08
C THR B 278 1.16 10.47 9.76
N PRO B 279 1.84 11.16 8.82
CA PRO B 279 3.22 10.83 8.44
C PRO B 279 4.15 10.90 9.66
N ILE B 280 3.96 11.96 10.46
CA ILE B 280 4.76 12.17 11.65
C ILE B 280 4.62 10.98 12.61
N ALA B 281 3.38 10.60 12.91
CA ALA B 281 3.14 9.48 13.81
C ALA B 281 3.71 8.19 13.25
N HIS B 282 3.66 8.04 11.93
CA HIS B 282 4.21 6.84 11.33
C HIS B 282 5.70 6.74 11.64
N THR B 283 6.43 7.82 11.40
CA THR B 283 7.87 7.82 11.65
C THR B 283 8.22 7.67 13.13
N ALA B 285 6.52 6.13 15.46
CA ALA B 285 6.19 4.81 15.97
C ALA B 285 6.86 3.66 15.24
N TRP B 286 7.34 3.90 14.03
CA TRP B 286 7.99 2.85 13.22
C TRP B 286 8.87 1.98 14.09
N PRO B 287 8.82 0.64 13.90
CA PRO B 287 7.98 -0.10 12.95
C PRO B 287 6.54 -0.38 13.39
N ASN B 288 6.11 0.20 14.51
CA ASN B 288 4.75 0.00 14.98
C ASN B 288 3.91 1.24 14.66
N ARG B 289 2.71 1.35 15.22
CA ARG B 289 1.88 2.53 14.95
C ARG B 289 1.27 3.06 16.24
N VAL B 290 0.81 4.32 16.20
CA VAL B 290 0.16 4.92 17.37
C VAL B 290 -0.95 5.82 16.86
N ASN B 291 -1.86 6.18 17.75
CA ASN B 291 -2.96 7.07 17.37
C ASN B 291 -2.34 8.44 17.14
N SER B 292 -2.76 9.11 16.08
CA SER B 292 -2.23 10.42 15.75
C SER B 292 -3.27 11.50 15.99
N GLY B 293 -4.52 11.07 16.17
CA GLY B 293 -5.59 12.03 16.37
C GLY B 293 -6.25 12.33 15.03
N VAL B 294 -5.71 11.75 13.96
CA VAL B 294 -6.26 11.96 12.63
C VAL B 294 -7.48 11.07 12.42
N LYS B 295 -8.55 11.65 11.89
CA LYS B 295 -9.78 10.89 11.64
C LYS B 295 -9.59 9.92 10.49
N PRO B 296 -10.31 8.79 10.52
CA PRO B 296 -10.20 7.80 9.45
C PRO B 296 -10.75 8.35 8.13
N LEU B 297 -10.02 8.08 7.05
CA LEU B 297 -10.42 8.56 5.72
C LEU B 297 -11.75 7.95 5.30
N ASP B 298 -12.70 8.79 4.92
CA ASP B 298 -14.00 8.29 4.53
C ASP B 298 -14.07 8.14 3.01
N PHE B 299 -13.97 6.90 2.53
CA PHE B 299 -14.00 6.63 1.10
C PHE B 299 -15.31 6.96 0.41
N CYS B 300 -16.37 7.13 1.19
CA CYS B 300 -17.68 7.45 0.64
C CYS B 300 -17.90 8.96 0.49
N LYS B 301 -16.94 9.75 0.93
CA LYS B 301 -17.05 11.21 0.82
C LYS B 301 -15.86 11.78 0.04
N LEU B 302 -15.46 11.07 -1.00
CA LEU B 302 -14.33 11.47 -1.81
C LEU B 302 -14.71 11.86 -3.23
N SER B 303 -13.90 12.74 -3.81
CA SER B 303 -14.10 13.14 -5.20
C SER B 303 -13.46 12.00 -5.98
N ALA B 304 -13.94 11.75 -7.19
CA ALA B 304 -13.38 10.69 -8.03
C ALA B 304 -11.88 10.91 -8.15
N LEU B 305 -11.10 9.82 -8.09
CA LEU B 305 -9.65 9.88 -8.16
C LEU B 305 -9.13 9.78 -9.60
N THR B 306 -8.35 10.78 -10.02
CA THR B 306 -7.82 10.79 -11.38
C THR B 306 -6.30 10.99 -11.42
N PHE B 307 -5.71 10.71 -12.58
CA PHE B 307 -4.28 10.83 -12.76
C PHE B 307 -3.97 11.39 -14.15
N ALA B 308 -2.79 11.98 -14.28
CA ALA B 308 -2.37 12.55 -15.56
C ALA B 308 -0.87 12.76 -15.56
N ALA B 309 -0.27 12.77 -16.74
CA ALA B 309 1.16 12.98 -16.87
C ALA B 309 1.39 14.48 -16.92
N PRO B 310 2.43 14.98 -16.22
CA PRO B 310 2.77 16.39 -16.18
C PRO B 310 3.30 16.88 -17.53
N ASP B 311 2.82 18.02 -17.99
CA ASP B 311 3.28 18.60 -19.25
C ASP B 311 4.39 19.60 -18.91
N TYR B 312 5.62 19.33 -19.34
CA TYR B 312 6.74 20.21 -19.06
C TYR B 312 6.57 21.63 -19.60
N ASP B 313 5.66 21.81 -20.55
CA ASP B 313 5.42 23.13 -21.10
C ASP B 313 4.64 23.94 -20.08
N ARG B 314 3.88 23.22 -19.25
CA ARG B 314 3.08 23.87 -18.21
C ARG B 314 3.86 23.93 -16.89
N TYR B 315 4.78 22.98 -16.69
CA TYR B 315 5.56 22.94 -15.46
C TYR B 315 7.05 22.87 -15.72
N PRO B 316 7.62 23.92 -16.35
CA PRO B 316 9.05 23.93 -16.65
C PRO B 316 9.94 23.72 -15.42
N CYS B 317 9.48 24.18 -14.26
CA CYS B 317 10.27 24.03 -13.04
C CYS B 317 10.49 22.56 -12.69
N LEU B 318 9.52 21.72 -13.03
CA LEU B 318 9.62 20.29 -12.76
C LEU B 318 10.76 19.70 -13.58
N LYS B 319 10.78 20.00 -14.87
CA LYS B 319 11.83 19.50 -15.75
C LYS B 319 13.16 20.10 -15.35
N LEU B 320 13.13 21.38 -15.00
CA LEU B 320 14.35 22.07 -14.59
C LEU B 320 15.03 21.33 -13.43
N ALA B 321 14.24 20.92 -12.44
CA ALA B 321 14.76 20.23 -11.25
C ALA B 321 15.30 18.83 -11.58
N GLU B 323 16.60 17.92 -14.43
CA GLU B 323 17.86 18.13 -15.14
C GLU B 323 18.96 18.57 -14.18
N ALA B 324 18.59 19.40 -13.21
CA ALA B 324 19.54 19.88 -12.22
C ALA B 324 20.15 18.74 -11.43
N PHE B 325 19.34 17.75 -11.07
CA PHE B 325 19.84 16.61 -10.32
C PHE B 325 21.01 15.97 -11.06
N GLU B 326 20.82 15.74 -12.36
CA GLU B 326 21.86 15.10 -13.16
C GLU B 326 23.11 15.96 -13.27
N GLN B 327 22.96 17.26 -12.99
CA GLN B 327 24.09 18.18 -13.08
C GLN B 327 24.86 18.31 -11.77
N GLY B 328 24.33 17.76 -10.69
CA GLY B 328 25.04 17.82 -9.42
C GLY B 328 24.43 18.66 -8.31
N GLN B 329 24.97 18.52 -7.11
CA GLN B 329 24.49 19.26 -5.95
C GLN B 329 24.57 20.77 -6.16
N ALA B 330 25.60 21.24 -6.84
CA ALA B 330 25.74 22.69 -7.07
C ALA B 330 24.51 23.21 -7.80
N ALA B 331 24.08 22.46 -8.82
CA ALA B 331 22.92 22.86 -9.61
C ALA B 331 21.63 22.79 -8.79
N THR B 332 21.48 21.77 -7.97
CA THR B 332 20.27 21.65 -7.17
C THR B 332 20.19 22.70 -6.07
N THR B 333 21.27 22.96 -5.36
CA THR B 333 21.19 23.96 -4.30
C THR B 333 21.01 25.35 -4.91
N ALA B 334 21.55 25.55 -6.11
CA ALA B 334 21.42 26.83 -6.80
C ALA B 334 19.98 27.03 -7.25
N LEU B 335 19.39 25.98 -7.80
CA LEU B 335 18.00 26.04 -8.27
C LEU B 335 17.11 26.36 -7.08
N ASN B 336 17.33 25.66 -5.96
CA ASN B 336 16.55 25.85 -4.76
C ASN B 336 16.63 27.29 -4.25
N ALA B 337 17.85 27.83 -4.24
CA ALA B 337 18.07 29.18 -3.77
C ALA B 337 17.45 30.20 -4.70
N ALA B 338 17.65 30.01 -6.00
CA ALA B 338 17.10 30.92 -7.00
C ALA B 338 15.58 30.94 -6.89
N ASN B 339 14.98 29.77 -6.69
CA ASN B 339 13.54 29.68 -6.58
C ASN B 339 13.00 30.43 -5.37
N GLU B 340 13.77 30.43 -4.28
CA GLU B 340 13.33 31.13 -3.08
C GLU B 340 13.27 32.62 -3.38
N ILE B 341 14.21 33.10 -4.19
CA ILE B 341 14.27 34.51 -4.55
C ILE B 341 13.15 34.89 -5.52
N THR B 342 13.00 34.12 -6.59
CA THR B 342 11.98 34.41 -7.61
C THR B 342 10.55 34.28 -7.10
N VAL B 343 10.27 33.26 -6.28
CA VAL B 343 8.93 33.10 -5.74
C VAL B 343 8.64 34.31 -4.84
N ALA B 344 9.61 34.67 -4.00
CA ALA B 344 9.45 35.82 -3.11
C ALA B 344 9.15 37.07 -3.94
N ALA B 345 9.89 37.22 -5.04
CA ALA B 345 9.73 38.34 -5.94
C ALA B 345 8.36 38.33 -6.65
N PHE B 346 7.84 37.13 -6.90
CA PHE B 346 6.53 37.02 -7.55
C PHE B 346 5.45 37.46 -6.58
N LEU B 347 5.56 37.02 -5.33
CA LEU B 347 4.60 37.37 -4.30
C LEU B 347 4.63 38.87 -4.00
N ALA B 348 5.81 39.48 -4.10
CA ALA B 348 5.96 40.91 -3.86
C ALA B 348 5.56 41.66 -5.11
N GLN B 349 5.00 40.93 -6.08
CA GLN B 349 4.56 41.52 -7.33
C GLN B 349 5.64 42.26 -8.11
N GLN B 350 6.86 41.74 -8.08
CA GLN B 350 7.97 42.36 -8.80
C GLN B 350 8.12 41.69 -10.15
N ILE B 351 7.65 40.45 -10.26
CA ILE B 351 7.73 39.72 -11.52
C ILE B 351 6.47 38.90 -11.74
N ARG B 352 6.31 38.39 -12.96
CA ARG B 352 5.15 37.58 -13.30
C ARG B 352 5.35 36.12 -12.91
N PHE B 353 4.24 35.42 -12.74
CA PHE B 353 4.24 34.01 -12.36
C PHE B 353 5.17 33.18 -13.25
N THR B 354 5.13 33.43 -14.55
CA THR B 354 5.95 32.69 -15.49
C THR B 354 7.42 33.09 -15.46
N ASP B 355 7.74 34.17 -14.76
CA ASP B 355 9.12 34.63 -14.66
C ASP B 355 9.90 33.76 -13.67
N ILE B 356 9.19 33.07 -12.79
CA ILE B 356 9.81 32.21 -11.78
C ILE B 356 10.65 31.16 -12.50
N ALA B 357 10.01 30.38 -13.37
CA ALA B 357 10.70 29.35 -14.12
C ALA B 357 11.74 29.94 -15.05
N ALA B 358 11.41 31.04 -15.72
CA ALA B 358 12.35 31.67 -16.64
C ALA B 358 13.60 32.16 -15.91
N LEU B 359 13.40 32.85 -14.79
CA LEU B 359 14.53 33.37 -14.03
C LEU B 359 15.31 32.26 -13.33
N ASN B 360 14.62 31.19 -12.91
CA ASN B 360 15.31 30.09 -12.26
C ASN B 360 16.30 29.46 -13.25
N LEU B 361 15.87 29.30 -14.50
CA LEU B 361 16.74 28.72 -15.52
C LEU B 361 17.91 29.65 -15.83
N SER B 362 17.61 30.95 -15.92
CA SER B 362 18.61 31.96 -16.19
C SER B 362 19.73 31.93 -15.15
N VAL B 363 19.35 31.80 -13.89
CA VAL B 363 20.34 31.75 -12.81
C VAL B 363 21.22 30.52 -12.96
N LEU B 364 20.60 29.38 -13.24
CA LEU B 364 21.35 28.15 -13.39
C LEU B 364 22.33 28.18 -14.57
N GLU B 365 21.94 28.87 -15.64
CA GLU B 365 22.78 28.96 -16.83
C GLU B 365 24.01 29.85 -16.60
N LYS B 366 24.08 30.47 -15.43
CA LYS B 366 25.19 31.36 -15.13
C LYS B 366 26.06 30.88 -13.97
N ASP B 368 27.67 27.40 -13.15
CA ASP B 368 28.87 26.70 -13.59
C ASP B 368 29.93 26.63 -12.48
N ARG B 370 31.73 24.29 -9.14
CA ARG B 370 32.04 22.90 -8.82
C ARG B 370 31.16 22.28 -7.75
N GLU B 371 31.19 20.95 -7.70
CA GLU B 371 30.42 20.17 -6.76
C GLU B 371 30.81 20.50 -5.31
N PRO B 372 29.84 20.82 -4.46
CA PRO B 372 30.15 21.14 -3.06
C PRO B 372 30.80 19.92 -2.39
N GLN B 373 31.77 20.15 -1.51
CA GLN B 373 32.44 19.03 -0.85
C GLN B 373 32.12 19.00 0.64
N CYS B 374 31.44 20.04 1.12
CA CYS B 374 31.06 20.12 2.53
C CYS B 374 29.94 21.14 2.69
N VAL B 375 29.30 21.13 3.85
CA VAL B 375 28.20 22.05 4.10
C VAL B 375 28.60 23.50 3.79
N ASP B 376 29.86 23.85 4.05
CA ASP B 376 30.31 25.21 3.77
C ASP B 376 30.27 25.53 2.28
N ASP B 377 30.63 24.56 1.44
CA ASP B 377 30.61 24.79 0.00
C ASP B 377 29.16 25.01 -0.45
N VAL B 378 28.26 24.18 0.06
CA VAL B 378 26.84 24.29 -0.27
C VAL B 378 26.35 25.70 0.07
N LEU B 379 26.63 26.15 1.29
CA LEU B 379 26.23 27.47 1.73
C LEU B 379 26.75 28.54 0.78
N SER B 380 27.98 28.36 0.31
CA SER B 380 28.59 29.31 -0.60
C SER B 380 27.84 29.37 -1.93
N VAL B 381 27.44 28.21 -2.44
CA VAL B 381 26.70 28.14 -3.69
C VAL B 381 25.34 28.81 -3.48
N ASP B 382 24.72 28.49 -2.35
CA ASP B 382 23.43 29.06 -2.02
C ASP B 382 23.49 30.58 -2.04
N ALA B 383 24.44 31.14 -1.30
CA ALA B 383 24.62 32.58 -1.22
C ALA B 383 24.86 33.19 -2.61
N ASN B 384 25.66 32.51 -3.42
CA ASN B 384 25.96 33.00 -4.76
C ASN B 384 24.72 32.99 -5.66
N ALA B 385 23.97 31.88 -5.65
CA ALA B 385 22.77 31.79 -6.48
C ALA B 385 21.73 32.86 -6.11
N ARG B 386 21.59 33.16 -4.82
CA ARG B 386 20.63 34.17 -4.39
C ARG B 386 20.98 35.55 -4.94
N GLU B 387 22.26 35.90 -4.90
CA GLU B 387 22.67 37.20 -5.42
C GLU B 387 22.37 37.28 -6.91
N VAL B 388 22.76 36.26 -7.66
CA VAL B 388 22.51 36.23 -9.09
C VAL B 388 21.01 36.39 -9.33
N ALA B 389 20.22 35.67 -8.55
CA ALA B 389 18.76 35.71 -8.67
C ALA B 389 18.22 37.10 -8.35
N ARG B 390 18.70 37.72 -7.26
CA ARG B 390 18.24 39.05 -6.89
C ARG B 390 18.57 40.04 -8.00
N LYS B 391 19.71 39.85 -8.64
CA LYS B 391 20.10 40.74 -9.73
C LYS B 391 19.16 40.55 -10.92
N GLU B 392 18.89 39.28 -11.25
CA GLU B 392 18.00 38.95 -12.36
C GLU B 392 16.64 39.60 -12.16
N VAL B 393 16.13 39.51 -10.94
CA VAL B 393 14.84 40.12 -10.63
C VAL B 393 14.87 41.62 -10.86
N ARG B 395 16.83 43.55 -12.71
CA ARG B 395 16.96 43.99 -14.09
C ARG B 395 15.64 43.77 -14.83
N LEU B 396 14.85 42.83 -14.35
CA LEU B 396 13.57 42.51 -14.95
C LEU B 396 12.57 43.59 -14.55
N ALA B 397 12.56 43.94 -13.27
CA ALA B 397 11.65 44.97 -12.76
C ALA B 397 12.00 46.36 -13.26
N SER B 398 13.25 46.54 -13.68
CA SER B 398 13.70 47.83 -14.19
C SER B 398 13.85 47.79 -15.71
#